data_238D
# 
_entry.id   238D 
# 
_audit_conform.dict_name       mmcif_pdbx.dic 
_audit_conform.dict_version    5.387 
_audit_conform.dict_location   http://mmcif.pdb.org/dictionaries/ascii/mmcif_pdbx.dic 
# 
loop_
_database_2.database_id 
_database_2.database_code 
_database_2.pdbx_database_accession 
_database_2.pdbx_DOI 
PDB   238D         pdb_0000238d 10.2210/pdb238d/pdb 
RCSB  UDJB44       ?            ?                   
WWPDB D_1000177627 ?            ?                   
# 
loop_
_pdbx_audit_revision_history.ordinal 
_pdbx_audit_revision_history.data_content_type 
_pdbx_audit_revision_history.major_revision 
_pdbx_audit_revision_history.minor_revision 
_pdbx_audit_revision_history.revision_date 
1 'Structure model' 1 0 1996-01-30 
2 'Structure model' 1 1 2008-05-22 
3 'Structure model' 1 2 2011-07-13 
4 'Structure model' 1 3 2024-02-14 
# 
_pdbx_audit_revision_details.ordinal             1 
_pdbx_audit_revision_details.revision_ordinal    1 
_pdbx_audit_revision_details.data_content_type   'Structure model' 
_pdbx_audit_revision_details.provider            repository 
_pdbx_audit_revision_details.type                'Initial release' 
_pdbx_audit_revision_details.description         ? 
_pdbx_audit_revision_details.details             ? 
# 
loop_
_pdbx_audit_revision_group.ordinal 
_pdbx_audit_revision_group.revision_ordinal 
_pdbx_audit_revision_group.data_content_type 
_pdbx_audit_revision_group.group 
1 2 'Structure model' 'Version format compliance' 
2 3 'Structure model' 'Version format compliance' 
3 4 'Structure model' 'Data collection'           
4 4 'Structure model' 'Database references'       
5 4 'Structure model' 'Derived calculations'      
# 
loop_
_pdbx_audit_revision_category.ordinal 
_pdbx_audit_revision_category.revision_ordinal 
_pdbx_audit_revision_category.data_content_type 
_pdbx_audit_revision_category.category 
1 4 'Structure model' chem_comp_atom 
2 4 'Structure model' chem_comp_bond 
3 4 'Structure model' database_2     
4 4 'Structure model' diffrn_source  
5 4 'Structure model' struct_conn    
# 
loop_
_pdbx_audit_revision_item.ordinal 
_pdbx_audit_revision_item.revision_ordinal 
_pdbx_audit_revision_item.data_content_type 
_pdbx_audit_revision_item.item 
1 4 'Structure model' '_database_2.pdbx_DOI'                 
2 4 'Structure model' '_database_2.pdbx_database_accession'  
3 4 'Structure model' '_diffrn_source.pdbx_synchrotron_site' 
4 4 'Structure model' '_struct_conn.pdbx_leaving_atom_flag'  
# 
_pdbx_database_status.status_code                     REL 
_pdbx_database_status.entry_id                        238D 
_pdbx_database_status.recvd_initial_deposition_date   1995-11-02 
_pdbx_database_status.deposit_site                    BNL 
_pdbx_database_status.process_site                    NDB 
_pdbx_database_status.SG_entry                        . 
_pdbx_database_status.pdb_format_compatible           Y 
_pdbx_database_status.status_code_mr                  ? 
_pdbx_database_status.status_code_sf                  ? 
_pdbx_database_status.status_code_cs                  ? 
_pdbx_database_status.status_code_nmr_data            ? 
_pdbx_database_status.methods_development_category    ? 
# 
_audit_author.name           'Nunn, C.M.' 
_audit_author.pdbx_ordinal   1 
# 
_citation.id                        primary 
_citation.title                     'Crystal structure of d(AGGBrCATGCCT): implications for cobalt hexammine binding to DNA' 
_citation.journal_abbrev            J.Biomol.Struct.Dyn. 
_citation.journal_volume            14 
_citation.page_first                49 
_citation.page_last                 56 
_citation.year                      1996 
_citation.journal_id_ASTM           JBSDD6 
_citation.country                   US 
_citation.journal_id_ISSN           0739-1102 
_citation.journal_id_CSD            0646 
_citation.book_publisher            ? 
_citation.pdbx_database_id_PubMed   8877561 
_citation.pdbx_database_id_DOI      ? 
# 
_citation_author.citation_id        primary 
_citation_author.name               'Nunn, C.M.' 
_citation_author.ordinal            1 
_citation_author.identifier_ORCID   ? 
# 
loop_
_entity.id 
_entity.type 
_entity.src_method 
_entity.pdbx_description 
_entity.formula_weight 
_entity.pdbx_number_of_molecules 
_entity.pdbx_ec 
_entity.pdbx_mutation 
_entity.pdbx_fragment 
_entity.details 
1 polymer syn 
;DNA (5'-D(*AP*GP*GP*(CBR)P*AP*TP*GP*CP*CP*T)-3')
;
3123.901 1  ? ? ? ? 
2 water   nat water                                              18.015   56 ? ? ? ? 
# 
_entity_poly.entity_id                      1 
_entity_poly.type                           polydeoxyribonucleotide 
_entity_poly.nstd_linkage                   no 
_entity_poly.nstd_monomer                   yes 
_entity_poly.pdbx_seq_one_letter_code       '(DA)(DG)(DG)(CBR)(DA)(DT)(DG)(DC)(DC)(DT)' 
_entity_poly.pdbx_seq_one_letter_code_can   AGGCATGCCT 
_entity_poly.pdbx_strand_id                 A 
_entity_poly.pdbx_target_identifier         ? 
# 
_pdbx_entity_nonpoly.entity_id   2 
_pdbx_entity_nonpoly.name        water 
_pdbx_entity_nonpoly.comp_id     HOH 
# 
loop_
_entity_poly_seq.entity_id 
_entity_poly_seq.num 
_entity_poly_seq.mon_id 
_entity_poly_seq.hetero 
1 1  DA  n 
1 2  DG  n 
1 3  DG  n 
1 4  CBR n 
1 5  DA  n 
1 6  DT  n 
1 7  DG  n 
1 8  DC  n 
1 9  DC  n 
1 10 DT  n 
# 
loop_
_chem_comp.id 
_chem_comp.type 
_chem_comp.mon_nstd_flag 
_chem_comp.name 
_chem_comp.pdbx_synonyms 
_chem_comp.formula 
_chem_comp.formula_weight 
CBR 'DNA linking' n "5-BROMO-2'-DEOXY-CYTIDINE-5'-MONOPHOSPHATE" ? 'C9 H13 Br N3 O7 P' 386.093 
DA  'DNA linking' y "2'-DEOXYADENOSINE-5'-MONOPHOSPHATE"         ? 'C10 H14 N5 O6 P'   331.222 
DC  'DNA linking' y "2'-DEOXYCYTIDINE-5'-MONOPHOSPHATE"          ? 'C9 H14 N3 O7 P'    307.197 
DG  'DNA linking' y "2'-DEOXYGUANOSINE-5'-MONOPHOSPHATE"         ? 'C10 H14 N5 O7 P'   347.221 
DT  'DNA linking' y "THYMIDINE-5'-MONOPHOSPHATE"                 ? 'C10 H15 N2 O8 P'   322.208 
HOH non-polymer   . WATER                                        ? 'H2 O'              18.015  
# 
loop_
_pdbx_poly_seq_scheme.asym_id 
_pdbx_poly_seq_scheme.entity_id 
_pdbx_poly_seq_scheme.seq_id 
_pdbx_poly_seq_scheme.mon_id 
_pdbx_poly_seq_scheme.ndb_seq_num 
_pdbx_poly_seq_scheme.pdb_seq_num 
_pdbx_poly_seq_scheme.auth_seq_num 
_pdbx_poly_seq_scheme.pdb_mon_id 
_pdbx_poly_seq_scheme.auth_mon_id 
_pdbx_poly_seq_scheme.pdb_strand_id 
_pdbx_poly_seq_scheme.pdb_ins_code 
_pdbx_poly_seq_scheme.hetero 
A 1 1  DA  1  1  1  DA  A A . n 
A 1 2  DG  2  2  2  DG  G A . n 
A 1 3  DG  3  3  3  DG  G A . n 
A 1 4  CBR 4  4  4  CBR C A . n 
A 1 5  DA  5  5  5  DA  A A . n 
A 1 6  DT  6  6  6  DT  T A . n 
A 1 7  DG  7  7  7  DG  G A . n 
A 1 8  DC  8  8  8  DC  C A . n 
A 1 9  DC  9  9  9  DC  C A . n 
A 1 10 DT  10 10 10 DT  T A . n 
# 
loop_
_pdbx_nonpoly_scheme.asym_id 
_pdbx_nonpoly_scheme.entity_id 
_pdbx_nonpoly_scheme.mon_id 
_pdbx_nonpoly_scheme.ndb_seq_num 
_pdbx_nonpoly_scheme.pdb_seq_num 
_pdbx_nonpoly_scheme.auth_seq_num 
_pdbx_nonpoly_scheme.pdb_mon_id 
_pdbx_nonpoly_scheme.auth_mon_id 
_pdbx_nonpoly_scheme.pdb_strand_id 
_pdbx_nonpoly_scheme.pdb_ins_code 
B 2 HOH 1  11 11 HOH HOH A . 
B 2 HOH 2  12 12 HOH HOH A . 
B 2 HOH 3  13 13 HOH HOH A . 
B 2 HOH 4  14 14 HOH HOH A . 
B 2 HOH 5  15 15 HOH HOH A . 
B 2 HOH 6  16 16 HOH HOH A . 
B 2 HOH 7  17 17 HOH HOH A . 
B 2 HOH 8  18 18 HOH HOH A . 
B 2 HOH 9  19 19 HOH HOH A . 
B 2 HOH 10 20 20 HOH HOH A . 
B 2 HOH 11 21 21 HOH HOH A . 
B 2 HOH 12 22 22 HOH HOH A . 
B 2 HOH 13 23 23 HOH HOH A . 
B 2 HOH 14 24 24 HOH HOH A . 
B 2 HOH 15 25 25 HOH HOH A . 
B 2 HOH 16 26 26 HOH HOH A . 
B 2 HOH 17 27 27 HOH HOH A . 
B 2 HOH 18 28 28 HOH HOH A . 
B 2 HOH 19 29 29 HOH HOH A . 
B 2 HOH 20 30 30 HOH HOH A . 
B 2 HOH 21 31 31 HOH HOH A . 
B 2 HOH 22 32 32 HOH HOH A . 
B 2 HOH 23 33 33 HOH HOH A . 
B 2 HOH 24 34 34 HOH HOH A . 
B 2 HOH 25 35 35 HOH HOH A . 
B 2 HOH 26 36 36 HOH HOH A . 
B 2 HOH 27 37 37 HOH HOH A . 
B 2 HOH 28 38 38 HOH HOH A . 
B 2 HOH 29 39 39 HOH HOH A . 
B 2 HOH 30 40 40 HOH HOH A . 
B 2 HOH 31 41 41 HOH HOH A . 
B 2 HOH 32 42 42 HOH HOH A . 
B 2 HOH 33 43 43 HOH HOH A . 
B 2 HOH 34 44 44 HOH HOH A . 
B 2 HOH 35 45 45 HOH HOH A . 
B 2 HOH 36 46 46 HOH HOH A . 
B 2 HOH 37 47 47 HOH HOH A . 
B 2 HOH 38 48 48 HOH HOH A . 
B 2 HOH 39 49 49 HOH HOH A . 
B 2 HOH 40 50 50 HOH HOH A . 
B 2 HOH 41 51 51 HOH HOH A . 
B 2 HOH 42 52 52 HOH HOH A . 
B 2 HOH 43 53 53 HOH HOH A . 
B 2 HOH 44 54 54 HOH HOH A . 
B 2 HOH 45 55 55 HOH HOH A . 
B 2 HOH 46 56 56 HOH HOH A . 
B 2 HOH 47 57 57 HOH HOH A . 
B 2 HOH 48 58 58 HOH HOH A . 
B 2 HOH 49 59 59 HOH HOH A . 
B 2 HOH 50 60 60 HOH HOH A . 
B 2 HOH 51 61 61 HOH HOH A . 
B 2 HOH 52 62 62 HOH HOH A . 
B 2 HOH 53 63 63 HOH HOH A . 
B 2 HOH 54 64 64 HOH HOH A . 
B 2 HOH 55 65 65 HOH HOH A . 
B 2 HOH 56 66 66 HOH HOH A . 
# 
loop_
_software.name 
_software.classification 
_software.version 
_software.citation_id 
_software.pdbx_ordinal 
X-PLOR refinement       . ? 1 
DENZO  'data reduction' . ? 2 
# 
_cell.entry_id           238D 
_cell.length_a           33.200 
_cell.length_b           33.200 
_cell.length_c           77.100 
_cell.angle_alpha        90.00 
_cell.angle_beta         90.00 
_cell.angle_gamma        120.00 
_cell.Z_PDB              12 
_cell.pdbx_unique_axis   ? 
# 
_symmetry.entry_id                         238D 
_symmetry.space_group_name_H-M             'P 61 2 2' 
_symmetry.pdbx_full_space_group_name_H-M   ? 
_symmetry.cell_setting                     ? 
_symmetry.Int_Tables_number                178 
# 
_exptl.entry_id          238D 
_exptl.method            'X-RAY DIFFRACTION' 
_exptl.crystals_number   ? 
# 
_exptl_crystal.id                    1 
_exptl_crystal.density_meas          ? 
_exptl_crystal.density_Matthews      1.96 
_exptl_crystal.density_percent_sol   37.35 
_exptl_crystal.description           ? 
# 
_exptl_crystal_grow.crystal_id      1 
_exptl_crystal_grow.method          'VAPOR DIFFUSION, SITTING DROP' 
_exptl_crystal_grow.temp            287.00 
_exptl_crystal_grow.temp_details    ? 
_exptl_crystal_grow.pH              7.00 
_exptl_crystal_grow.pdbx_details    'pH 7.00, VAPOR DIFFUSION, SITTING DROP, temperature 287.00K' 
_exptl_crystal_grow.pdbx_pH_range   ? 
# 
loop_
_exptl_crystal_grow_comp.crystal_id 
_exptl_crystal_grow_comp.id 
_exptl_crystal_grow_comp.sol_id 
_exptl_crystal_grow_comp.name 
_exptl_crystal_grow_comp.volume 
_exptl_crystal_grow_comp.conc 
_exptl_crystal_grow_comp.details 
1 1 1 WATER           ? ? ? 
1 2 1 MPD             ? ? ? 
1 3 1 'NA CACODYLATE' ? ? ? 
1 4 1 NH4OH           ? ? ? 
1 5 1 '[CO(NH3)6]CL3' ? ? ? 
1 6 1 WATER           ? ? ? 
1 7 2 MPD             ? ? ? 
1 8 2 WATER           ? ? ? 
# 
_diffrn.id                     1 
_diffrn.crystal_id             1 
_diffrn.ambient_temp           ? 
_diffrn.ambient_temp_details   ? 
# 
_diffrn_detector.diffrn_id              1 
_diffrn_detector.detector               'IMAGE PLATE' 
_diffrn_detector.type                   MARRESEARCH 
_diffrn_detector.pdbx_collection_date   1994-07-15 
_diffrn_detector.details                ? 
# 
_diffrn_radiation.diffrn_id                        1 
_diffrn_radiation.wavelength_id                    1 
_diffrn_radiation.pdbx_monochromatic_or_laue_m_l   M 
_diffrn_radiation.monochromator                    ? 
_diffrn_radiation.pdbx_diffrn_protocol             ? 
_diffrn_radiation.pdbx_scattering_type             x-ray 
# 
_diffrn_radiation_wavelength.id           1 
_diffrn_radiation_wavelength.wavelength   . 
_diffrn_radiation_wavelength.wt           1.0 
# 
_diffrn_source.diffrn_id                   1 
_diffrn_source.source                      SYNCHROTRON 
_diffrn_source.type                        'EMBL/DESY, HAMBURG BEAMLINE BW7B' 
_diffrn_source.pdbx_synchrotron_site       'EMBL/DESY, HAMBURG' 
_diffrn_source.pdbx_synchrotron_beamline   BW7B 
_diffrn_source.pdbx_wavelength             ? 
_diffrn_source.pdbx_wavelength_list        ? 
# 
_reflns.entry_id                     238D 
_reflns.observed_criterion_sigma_I   ? 
_reflns.observed_criterion_sigma_F   0.000 
_reflns.d_resolution_low             9.500 
_reflns.d_resolution_high            2.000 
_reflns.number_obs                   1777 
_reflns.number_all                   ? 
_reflns.percent_possible_obs         96.900 
_reflns.pdbx_Rmerge_I_obs            0.071 
_reflns.pdbx_Rsym_value              ? 
_reflns.pdbx_netI_over_sigmaI        ? 
_reflns.B_iso_Wilson_estimate        ? 
_reflns.pdbx_redundancy              ? 
_reflns.pdbx_diffrn_id               1 
_reflns.pdbx_ordinal                 1 
# 
_refine.entry_id                                 238D 
_refine.ls_number_reflns_obs                     1748 
_refine.ls_number_reflns_all                     ? 
_refine.pdbx_ls_sigma_I                          ? 
_refine.pdbx_ls_sigma_F                          2.000 
_refine.pdbx_data_cutoff_high_absF               ? 
_refine.pdbx_data_cutoff_low_absF                ? 
_refine.pdbx_data_cutoff_high_rms_absF           ? 
_refine.ls_d_res_low                             8.000 
_refine.ls_d_res_high                            2.000 
_refine.ls_percent_reflns_obs                    ? 
_refine.ls_R_factor_obs                          0.196 
_refine.ls_R_factor_all                          ? 
_refine.ls_R_factor_R_work                       0.196 
_refine.ls_R_factor_R_free                       ? 
_refine.ls_R_factor_R_free_error                 ? 
_refine.ls_R_factor_R_free_error_details         ? 
_refine.ls_percent_reflns_R_free                 ? 
_refine.ls_number_reflns_R_free                  ? 
_refine.ls_number_parameters                     ? 
_refine.ls_number_restraints                     ? 
_refine.occupancy_min                            ? 
_refine.occupancy_max                            ? 
_refine.B_iso_mean                               ? 
_refine.aniso_B[1][1]                            ? 
_refine.aniso_B[2][2]                            ? 
_refine.aniso_B[3][3]                            ? 
_refine.aniso_B[1][2]                            ? 
_refine.aniso_B[1][3]                            ? 
_refine.aniso_B[2][3]                            ? 
_refine.solvent_model_details                    ? 
_refine.solvent_model_param_ksol                 ? 
_refine.solvent_model_param_bsol                 ? 
_refine.pdbx_ls_cross_valid_method               ? 
_refine.details                                  ? 
_refine.pdbx_starting_model                      ? 
_refine.pdbx_method_to_determine_struct          ? 
_refine.pdbx_isotropic_thermal_model             ? 
_refine.pdbx_stereochemistry_target_values       ? 
_refine.pdbx_stereochem_target_val_spec_case     ? 
_refine.pdbx_R_Free_selection_details            29.40 
_refine.pdbx_overall_ESU_R                       ? 
_refine.pdbx_overall_ESU_R_Free                  ? 
_refine.overall_SU_ML                            ? 
_refine.overall_SU_B                             ? 
_refine.pdbx_refine_id                           'X-RAY DIFFRACTION' 
_refine.pdbx_diffrn_id                           1 
_refine.pdbx_TLS_residual_ADP_flag               ? 
_refine.correlation_coeff_Fo_to_Fc               ? 
_refine.correlation_coeff_Fo_to_Fc_free          ? 
_refine.pdbx_solvent_vdw_probe_radii             ? 
_refine.pdbx_solvent_ion_probe_radii             ? 
_refine.pdbx_solvent_shrinkage_radii             ? 
_refine.pdbx_overall_phase_error                 ? 
_refine.overall_SU_R_Cruickshank_DPI             ? 
_refine.pdbx_overall_SU_R_free_Cruickshank_DPI   ? 
_refine.pdbx_overall_SU_R_Blow_DPI               ? 
_refine.pdbx_overall_SU_R_free_Blow_DPI          ? 
# 
_refine_hist.pdbx_refine_id                   'X-RAY DIFFRACTION' 
_refine_hist.cycle_id                         LAST 
_refine_hist.pdbx_number_atoms_protein        0 
_refine_hist.pdbx_number_atoms_nucleic_acid   202 
_refine_hist.pdbx_number_atoms_ligand         1 
_refine_hist.number_atoms_solvent             56 
_refine_hist.number_atoms_total               259 
_refine_hist.d_res_high                       2.000 
_refine_hist.d_res_low                        8.000 
# 
loop_
_refine_ls_restr.type 
_refine_ls_restr.dev_ideal 
_refine_ls_restr.dev_ideal_target 
_refine_ls_restr.weight 
_refine_ls_restr.number 
_refine_ls_restr.pdbx_refine_id 
_refine_ls_restr.pdbx_restraint_function 
x_bond_d                0.027 ? ? ? 'X-RAY DIFFRACTION' ? 
x_bond_d_na             ?     ? ? ? 'X-RAY DIFFRACTION' ? 
x_bond_d_prot           ?     ? ? ? 'X-RAY DIFFRACTION' ? 
x_angle_d               ?     ? ? ? 'X-RAY DIFFRACTION' ? 
x_angle_d_na            ?     ? ? ? 'X-RAY DIFFRACTION' ? 
x_angle_d_prot          ?     ? ? ? 'X-RAY DIFFRACTION' ? 
x_angle_deg             4.25  ? ? ? 'X-RAY DIFFRACTION' ? 
x_angle_deg_na          ?     ? ? ? 'X-RAY DIFFRACTION' ? 
x_angle_deg_prot        ?     ? ? ? 'X-RAY DIFFRACTION' ? 
x_dihedral_angle_d      29.6  ? ? ? 'X-RAY DIFFRACTION' ? 
x_dihedral_angle_d_na   ?     ? ? ? 'X-RAY DIFFRACTION' ? 
x_dihedral_angle_d_prot ?     ? ? ? 'X-RAY DIFFRACTION' ? 
x_improper_angle_d      1.04  ? ? ? 'X-RAY DIFFRACTION' ? 
x_improper_angle_d_na   ?     ? ? ? 'X-RAY DIFFRACTION' ? 
x_improper_angle_d_prot ?     ? ? ? 'X-RAY DIFFRACTION' ? 
x_mcbond_it             ?     ? ? ? 'X-RAY DIFFRACTION' ? 
x_mcangle_it            ?     ? ? ? 'X-RAY DIFFRACTION' ? 
x_scbond_it             ?     ? ? ? 'X-RAY DIFFRACTION' ? 
x_scangle_it            ?     ? ? ? 'X-RAY DIFFRACTION' ? 
# 
_struct.entry_id                  238D 
_struct.title                     
;CRYSTAL STRUCTURE OF THE DNA DECAMER D(AGG(BR)CATGCCT): COMPARISON WITH D(AGGCATGCCT) AND IMPLICATIONS FOR COBALT HEXAMMINE BINDING TO DNA
;
_struct.pdbx_model_details        ? 
_struct.pdbx_CASP_flag            ? 
_struct.pdbx_model_type_details   ? 
# 
_struct_keywords.entry_id        238D 
_struct_keywords.pdbx_keywords   DNA 
_struct_keywords.text            'A-DNA, DOUBLE HELIX, FLIPPED-OUT BASES, BASE TRIPLET, DNA' 
# 
loop_
_struct_asym.id 
_struct_asym.pdbx_blank_PDB_chainid_flag 
_struct_asym.pdbx_modified 
_struct_asym.entity_id 
_struct_asym.details 
A N N 1 ? 
B N N 2 ? 
# 
_struct_ref.id                         1 
_struct_ref.entity_id                  1 
_struct_ref.db_name                    PDB 
_struct_ref.db_code                    238D 
_struct_ref.pdbx_db_accession          238D 
_struct_ref.pdbx_db_isoform            ? 
_struct_ref.pdbx_seq_one_letter_code   ? 
_struct_ref.pdbx_align_begin           ? 
# 
_struct_ref_seq.align_id                      1 
_struct_ref_seq.ref_id                        1 
_struct_ref_seq.pdbx_PDB_id_code              238D 
_struct_ref_seq.pdbx_strand_id                A 
_struct_ref_seq.seq_align_beg                 1 
_struct_ref_seq.pdbx_seq_align_beg_ins_code   ? 
_struct_ref_seq.seq_align_end                 10 
_struct_ref_seq.pdbx_seq_align_end_ins_code   ? 
_struct_ref_seq.pdbx_db_accession             238D 
_struct_ref_seq.db_align_beg                  1 
_struct_ref_seq.pdbx_db_align_beg_ins_code    ? 
_struct_ref_seq.db_align_end                  10 
_struct_ref_seq.pdbx_db_align_end_ins_code    ? 
_struct_ref_seq.pdbx_auth_seq_align_beg       1 
_struct_ref_seq.pdbx_auth_seq_align_end       10 
# 
_pdbx_struct_assembly.id                   1 
_pdbx_struct_assembly.details              author_defined_assembly 
_pdbx_struct_assembly.method_details       ? 
_pdbx_struct_assembly.oligomeric_details   dimeric 
_pdbx_struct_assembly.oligomeric_count     2 
# 
_pdbx_struct_assembly_gen.assembly_id       1 
_pdbx_struct_assembly_gen.oper_expression   1,2 
_pdbx_struct_assembly_gen.asym_id_list      A,B 
# 
loop_
_pdbx_struct_oper_list.id 
_pdbx_struct_oper_list.type 
_pdbx_struct_oper_list.name 
_pdbx_struct_oper_list.symmetry_operation 
_pdbx_struct_oper_list.matrix[1][1] 
_pdbx_struct_oper_list.matrix[1][2] 
_pdbx_struct_oper_list.matrix[1][3] 
_pdbx_struct_oper_list.vector[1] 
_pdbx_struct_oper_list.matrix[2][1] 
_pdbx_struct_oper_list.matrix[2][2] 
_pdbx_struct_oper_list.matrix[2][3] 
_pdbx_struct_oper_list.vector[2] 
_pdbx_struct_oper_list.matrix[3][1] 
_pdbx_struct_oper_list.matrix[3][2] 
_pdbx_struct_oper_list.matrix[3][3] 
_pdbx_struct_oper_list.vector[3] 
1 'identity operation'         1_555  x,y,z         1.0000000000  0.0000000000  0.0000000000  0.0000000000 0.0000000000  1.0000000000 0.0000000000 0.0000000000 0.0000000000  0.0000000000 1.0000000000  0.0000000000 
2 'crystal symmetry operation' 11_555 -x+y,y,-z+1/2 -0.8754923011 -0.4014688280 -0.2689535476 3.9557247492 -0.4014688280 0.2945160929 0.8672272200 0.2196368318 -0.2689535476 0.8672272200 -0.4190237918 1.5033854284 
# 
_struct_biol.id   1 
# 
loop_
_struct_conn.id 
_struct_conn.conn_type_id 
_struct_conn.pdbx_leaving_atom_flag 
_struct_conn.pdbx_PDB_id 
_struct_conn.ptnr1_label_asym_id 
_struct_conn.ptnr1_label_comp_id 
_struct_conn.ptnr1_label_seq_id 
_struct_conn.ptnr1_label_atom_id 
_struct_conn.pdbx_ptnr1_label_alt_id 
_struct_conn.pdbx_ptnr1_PDB_ins_code 
_struct_conn.pdbx_ptnr1_standard_comp_id 
_struct_conn.ptnr1_symmetry 
_struct_conn.ptnr2_label_asym_id 
_struct_conn.ptnr2_label_comp_id 
_struct_conn.ptnr2_label_seq_id 
_struct_conn.ptnr2_label_atom_id 
_struct_conn.pdbx_ptnr2_label_alt_id 
_struct_conn.pdbx_ptnr2_PDB_ins_code 
_struct_conn.ptnr1_auth_asym_id 
_struct_conn.ptnr1_auth_comp_id 
_struct_conn.ptnr1_auth_seq_id 
_struct_conn.ptnr2_auth_asym_id 
_struct_conn.ptnr2_auth_comp_id 
_struct_conn.ptnr2_auth_seq_id 
_struct_conn.ptnr2_symmetry 
_struct_conn.pdbx_ptnr3_label_atom_id 
_struct_conn.pdbx_ptnr3_label_seq_id 
_struct_conn.pdbx_ptnr3_label_comp_id 
_struct_conn.pdbx_ptnr3_label_asym_id 
_struct_conn.pdbx_ptnr3_label_alt_id 
_struct_conn.pdbx_ptnr3_PDB_ins_code 
_struct_conn.details 
_struct_conn.pdbx_dist_value 
_struct_conn.pdbx_value_order 
_struct_conn.pdbx_role 
covale1  covale both ? A DG  3 "O3'" ? ? ? 1_555 A CBR 4 P  ? ? A DG  3 A CBR 4 1_555  ? ? ? ? ? ? ?            1.616 ? ? 
covale2  covale both ? A CBR 4 "O3'" ? ? ? 1_555 A DA  5 P  ? ? A CBR 4 A DA  5 1_555  ? ? ? ? ? ? ?            1.609 ? ? 
hydrog1  hydrog ?    ? A DG  2 N1    ? ? ? 1_555 A DC  9 N3 ? ? A DG  2 A DC  9 11_555 ? ? ? ? ? ? WATSON-CRICK ?     ? ? 
hydrog2  hydrog ?    ? A DG  2 N2    ? ? ? 1_555 A DC  9 O2 ? ? A DG  2 A DC  9 11_555 ? ? ? ? ? ? WATSON-CRICK ?     ? ? 
hydrog3  hydrog ?    ? A DG  2 O6    ? ? ? 1_555 A DC  9 N4 ? ? A DG  2 A DC  9 11_555 ? ? ? ? ? ? WATSON-CRICK ?     ? ? 
hydrog4  hydrog ?    ? A DG  3 N1    ? ? ? 1_555 A DC  8 N3 ? ? A DG  3 A DC  8 11_555 ? ? ? ? ? ? WATSON-CRICK ?     ? ? 
hydrog5  hydrog ?    ? A DG  3 N2    ? ? ? 1_555 A DC  8 O2 ? ? A DG  3 A DC  8 11_555 ? ? ? ? ? ? WATSON-CRICK ?     ? ? 
hydrog6  hydrog ?    ? A DG  3 O6    ? ? ? 1_555 A DC  8 N4 ? ? A DG  3 A DC  8 11_555 ? ? ? ? ? ? WATSON-CRICK ?     ? ? 
hydrog7  hydrog ?    ? A CBR 4 N3    ? ? ? 1_555 A DG  7 N1 ? ? A CBR 4 A DG  7 11_555 ? ? ? ? ? ? WATSON-CRICK ?     ? ? 
hydrog8  hydrog ?    ? A CBR 4 N4    ? ? ? 1_555 A DG  7 O6 ? ? A CBR 4 A DG  7 11_555 ? ? ? ? ? ? WATSON-CRICK ?     ? ? 
hydrog9  hydrog ?    ? A CBR 4 O2    ? ? ? 1_555 A DG  7 N2 ? ? A CBR 4 A DG  7 11_555 ? ? ? ? ? ? WATSON-CRICK ?     ? ? 
hydrog10 hydrog ?    ? A DA  5 N1    ? ? ? 1_555 A DT  6 N3 ? ? A DA  5 A DT  6 11_555 ? ? ? ? ? ? WATSON-CRICK ?     ? ? 
hydrog11 hydrog ?    ? A DA  5 N6    ? ? ? 1_555 A DT  6 O4 ? ? A DA  5 A DT  6 11_555 ? ? ? ? ? ? WATSON-CRICK ?     ? ? 
hydrog12 hydrog ?    ? A DT  6 N3    ? ? ? 1_555 A DA  5 N1 ? ? A DT  6 A DA  5 11_555 ? ? ? ? ? ? WATSON-CRICK ?     ? ? 
hydrog13 hydrog ?    ? A DT  6 O4    ? ? ? 1_555 A DA  5 N6 ? ? A DT  6 A DA  5 11_555 ? ? ? ? ? ? WATSON-CRICK ?     ? ? 
hydrog14 hydrog ?    ? A DG  7 N1    ? ? ? 1_555 A CBR 4 N3 ? ? A DG  7 A CBR 4 11_555 ? ? ? ? ? ? WATSON-CRICK ?     ? ? 
hydrog15 hydrog ?    ? A DG  7 N2    ? ? ? 1_555 A CBR 4 O2 ? ? A DG  7 A CBR 4 11_555 ? ? ? ? ? ? WATSON-CRICK ?     ? ? 
hydrog16 hydrog ?    ? A DG  7 O6    ? ? ? 1_555 A CBR 4 N4 ? ? A DG  7 A CBR 4 11_555 ? ? ? ? ? ? WATSON-CRICK ?     ? ? 
hydrog17 hydrog ?    ? A DC  8 N3    ? ? ? 1_555 A DG  3 N1 ? ? A DC  8 A DG  3 11_555 ? ? ? ? ? ? WATSON-CRICK ?     ? ? 
hydrog18 hydrog ?    ? A DC  8 N4    ? ? ? 1_555 A DG  3 O6 ? ? A DC  8 A DG  3 11_555 ? ? ? ? ? ? WATSON-CRICK ?     ? ? 
hydrog19 hydrog ?    ? A DC  8 O2    ? ? ? 1_555 A DG  3 N2 ? ? A DC  8 A DG  3 11_555 ? ? ? ? ? ? WATSON-CRICK ?     ? ? 
hydrog20 hydrog ?    ? A DC  9 N3    ? ? ? 1_555 A DG  2 N1 ? ? A DC  9 A DG  2 11_555 ? ? ? ? ? ? WATSON-CRICK ?     ? ? 
hydrog21 hydrog ?    ? A DC  9 N4    ? ? ? 1_555 A DG  2 O6 ? ? A DC  9 A DG  2 11_555 ? ? ? ? ? ? WATSON-CRICK ?     ? ? 
hydrog22 hydrog ?    ? A DC  9 O2    ? ? ? 1_555 A DG  2 N2 ? ? A DC  9 A DG  2 11_555 ? ? ? ? ? ? WATSON-CRICK ?     ? ? 
# 
loop_
_struct_conn_type.id 
_struct_conn_type.criteria 
_struct_conn_type.reference 
covale ? ? 
hydrog ? ? 
# 
loop_
_pdbx_validate_rmsd_bond.id 
_pdbx_validate_rmsd_bond.PDB_model_num 
_pdbx_validate_rmsd_bond.auth_atom_id_1 
_pdbx_validate_rmsd_bond.auth_asym_id_1 
_pdbx_validate_rmsd_bond.auth_comp_id_1 
_pdbx_validate_rmsd_bond.auth_seq_id_1 
_pdbx_validate_rmsd_bond.PDB_ins_code_1 
_pdbx_validate_rmsd_bond.label_alt_id_1 
_pdbx_validate_rmsd_bond.auth_atom_id_2 
_pdbx_validate_rmsd_bond.auth_asym_id_2 
_pdbx_validate_rmsd_bond.auth_comp_id_2 
_pdbx_validate_rmsd_bond.auth_seq_id_2 
_pdbx_validate_rmsd_bond.PDB_ins_code_2 
_pdbx_validate_rmsd_bond.label_alt_id_2 
_pdbx_validate_rmsd_bond.bond_value 
_pdbx_validate_rmsd_bond.bond_target_value 
_pdbx_validate_rmsd_bond.bond_deviation 
_pdbx_validate_rmsd_bond.bond_standard_deviation 
_pdbx_validate_rmsd_bond.linker_flag 
1  1 "C2'" A DG 2  ? ? "C1'" A DG 2  ? ? 1.458 1.518 -0.060 0.010 N 
2  1 P     A DG 3  ? ? "O5'" A DG 3  ? ? 1.717 1.593 0.124  0.010 N 
3  1 "O3'" A DG 3  ? ? "C3'" A DG 3  ? ? 1.361 1.419 -0.058 0.006 N 
4  1 C5    A DG 3  ? ? N7    A DG 3  ? ? 1.343 1.388 -0.045 0.006 N 
5  1 C8    A DG 3  ? ? N9    A DG 3  ? ? 1.326 1.374 -0.048 0.007 N 
6  1 N9    A DG 3  ? ? C4    A DG 3  ? ? 1.317 1.375 -0.058 0.008 N 
7  1 "C2'" A DA 5  ? ? "C1'" A DA 5  ? ? 1.415 1.518 -0.103 0.010 N 
8  1 C5    A DA 5  ? ? N7    A DA 5  ? ? 1.342 1.388 -0.046 0.006 N 
9  1 N7    A DA 5  ? ? C8    A DA 5  ? ? 1.260 1.311 -0.051 0.007 N 
10 1 C5    A DT 6  ? ? C6    A DT 6  ? ? 1.282 1.339 -0.057 0.007 N 
11 1 "C5'" A DG 7  ? ? "C4'" A DG 7  ? ? 1.569 1.512 0.057  0.007 N 
12 1 C2    A DG 7  ? ? N2    A DG 7  ? ? 1.273 1.341 -0.068 0.010 N 
13 1 P     A DT 10 ? ? "O5'" A DT 10 ? ? 1.690 1.593 0.097  0.010 N 
# 
loop_
_pdbx_validate_rmsd_angle.id 
_pdbx_validate_rmsd_angle.PDB_model_num 
_pdbx_validate_rmsd_angle.auth_atom_id_1 
_pdbx_validate_rmsd_angle.auth_asym_id_1 
_pdbx_validate_rmsd_angle.auth_comp_id_1 
_pdbx_validate_rmsd_angle.auth_seq_id_1 
_pdbx_validate_rmsd_angle.PDB_ins_code_1 
_pdbx_validate_rmsd_angle.label_alt_id_1 
_pdbx_validate_rmsd_angle.auth_atom_id_2 
_pdbx_validate_rmsd_angle.auth_asym_id_2 
_pdbx_validate_rmsd_angle.auth_comp_id_2 
_pdbx_validate_rmsd_angle.auth_seq_id_2 
_pdbx_validate_rmsd_angle.PDB_ins_code_2 
_pdbx_validate_rmsd_angle.label_alt_id_2 
_pdbx_validate_rmsd_angle.auth_atom_id_3 
_pdbx_validate_rmsd_angle.auth_asym_id_3 
_pdbx_validate_rmsd_angle.auth_comp_id_3 
_pdbx_validate_rmsd_angle.auth_seq_id_3 
_pdbx_validate_rmsd_angle.PDB_ins_code_3 
_pdbx_validate_rmsd_angle.label_alt_id_3 
_pdbx_validate_rmsd_angle.angle_value 
_pdbx_validate_rmsd_angle.angle_target_value 
_pdbx_validate_rmsd_angle.angle_deviation 
_pdbx_validate_rmsd_angle.angle_standard_deviation 
_pdbx_validate_rmsd_angle.linker_flag 
1  1 "O4'" A DA 1  ? ? "C1'" A DA 1  ? ? N9    A DA 1  ? ? 113.17 108.30 4.87  0.30 N 
2  1 C6    A DA 1  ? ? N1    A DA 1  ? ? C2    A DA 1  ? ? 122.40 118.60 3.80  0.60 N 
3  1 "C1'" A DG 2  ? ? "O4'" A DG 2  ? ? "C4'" A DG 2  ? ? 103.33 110.10 -6.77 1.00 N 
4  1 "O4'" A DG 2  ? ? "C1'" A DG 2  ? ? "C2'" A DG 2  ? ? 111.66 106.80 4.86  0.50 N 
5  1 P     A DG 3  ? ? "O5'" A DG 3  ? ? "C5'" A DG 3  ? ? 133.80 120.90 12.90 1.60 N 
6  1 "C1'" A DG 3  ? ? "O4'" A DG 3  ? ? "C4'" A DG 3  ? ? 101.86 110.10 -8.24 1.00 N 
7  1 "C3'" A DG 3  ? ? "C2'" A DG 3  ? ? "C1'" A DG 3  ? ? 97.51  102.40 -4.89 0.80 N 
8  1 "O4'" A DG 3  ? ? "C1'" A DG 3  ? ? "C2'" A DG 3  ? ? 110.46 106.80 3.66  0.50 N 
9  1 C5    A DG 3  ? ? N7    A DG 3  ? ? C8    A DG 3  ? ? 101.07 104.30 -3.23 0.50 N 
10 1 "O4'" A DA 5  ? ? "C4'" A DA 5  ? ? "C3'" A DA 5  ? ? 100.25 104.50 -4.25 0.40 N 
11 1 C8    A DA 5  ? ? N9    A DA 5  ? ? C4    A DA 5  ? ? 103.10 105.80 -2.70 0.40 N 
12 1 "O4'" A DT 6  ? ? "C4'" A DT 6  ? ? "C3'" A DT 6  ? ? 99.13  104.50 -5.37 0.40 N 
13 1 "C3'" A DT 6  ? ? "C2'" A DT 6  ? ? "C1'" A DT 6  ? ? 96.50  102.40 -5.90 0.80 N 
14 1 C2    A DT 6  ? ? N3    A DT 6  ? ? C4    A DT 6  ? ? 123.23 127.20 -3.97 0.60 N 
15 1 N3    A DT 6  ? ? C4    A DT 6  ? ? C5    A DT 6  ? ? 119.14 115.20 3.94  0.60 N 
16 1 N3    A DT 6  ? ? C4    A DT 6  ? ? O4    A DT 6  ? ? 113.94 119.90 -5.96 0.60 N 
17 1 "C3'" A DT 6  ? ? "O3'" A DT 6  ? ? P     A DG 7  ? ? 111.84 119.70 -7.86 1.20 Y 
18 1 "C4'" A DG 7  ? ? "C3'" A DG 7  ? ? "C2'" A DG 7  ? ? 95.54  102.20 -6.66 0.70 N 
19 1 "O4'" A DG 7  ? ? "C1'" A DG 7  ? ? N9    A DG 7  ? ? 110.41 108.30 2.11  0.30 N 
20 1 C4    A DG 7  ? ? C5    A DG 7  ? ? N7    A DG 7  ? ? 113.97 110.80 3.17  0.40 N 
21 1 C5    A DG 7  ? ? N7    A DG 7  ? ? C8    A DG 7  ? ? 101.01 104.30 -3.29 0.50 N 
22 1 C5    A DG 7  ? ? C6    A DG 7  ? ? O6    A DG 7  ? ? 124.16 128.60 -4.44 0.60 N 
23 1 "O4'" A DC 8  ? ? "C1'" A DC 8  ? ? "C2'" A DC 8  ? ? 99.88  105.90 -6.02 0.80 N 
24 1 "O4'" A DC 8  ? ? "C1'" A DC 8  ? ? N1    A DC 8  ? ? 113.72 108.30 5.42  0.30 N 
25 1 "O4'" A DC 9  ? ? "C1'" A DC 9  ? ? "C2'" A DC 9  ? ? 101.06 105.90 -4.84 0.80 N 
26 1 N3    A DC 9  ? ? C4    A DC 9  ? ? N4    A DC 9  ? ? 122.27 118.00 4.27  0.70 N 
27 1 C6    A DT 10 ? ? N1    A DT 10 ? ? C2    A DT 10 ? ? 124.79 121.30 3.49  0.50 N 
28 1 N3    A DT 10 ? ? C4    A DT 10 ? ? O4    A DT 10 ? ? 111.01 119.90 -8.89 0.60 N 
29 1 C5    A DT 10 ? ? C4    A DT 10 ? ? O4    A DT 10 ? ? 134.21 124.90 9.31  0.70 N 
30 1 C4    A DT 10 ? ? C5    A DT 10 ? ? C7    A DT 10 ? ? 123.67 119.00 4.67  0.60 N 
31 1 C6    A DT 10 ? ? C5    A DT 10 ? ? C7    A DT 10 ? ? 116.72 122.90 -6.18 0.60 N 
# 
_pdbx_struct_mod_residue.id               1 
_pdbx_struct_mod_residue.label_asym_id    A 
_pdbx_struct_mod_residue.label_comp_id    CBR 
_pdbx_struct_mod_residue.label_seq_id     4 
_pdbx_struct_mod_residue.auth_asym_id     A 
_pdbx_struct_mod_residue.auth_comp_id     CBR 
_pdbx_struct_mod_residue.auth_seq_id      4 
_pdbx_struct_mod_residue.PDB_ins_code     ? 
_pdbx_struct_mod_residue.parent_comp_id   DC 
_pdbx_struct_mod_residue.details          ? 
# 
loop_
_chem_comp_atom.comp_id 
_chem_comp_atom.atom_id 
_chem_comp_atom.type_symbol 
_chem_comp_atom.pdbx_aromatic_flag 
_chem_comp_atom.pdbx_stereo_config 
_chem_comp_atom.pdbx_ordinal 
CBR BR     BR N N 1   
CBR P      P  N N 2   
CBR OP1    O  N N 3   
CBR OP2    O  N N 4   
CBR "O5'"  O  N N 5   
CBR N1     N  N N 6   
CBR C6     C  N N 7   
CBR C2     C  N N 8   
CBR O2     O  N N 9   
CBR N3     N  N N 10  
CBR C4     C  N N 11  
CBR N4     N  N N 12  
CBR C5     C  N N 13  
CBR "C2'"  C  N N 14  
CBR "C5'"  C  N N 15  
CBR "C4'"  C  N R 16  
CBR "O4'"  O  N N 17  
CBR "C1'"  C  N R 18  
CBR "C3'"  C  N S 19  
CBR "O3'"  O  N N 20  
CBR OP3    O  N N 21  
CBR HOP2   H  N N 22  
CBR H6     H  N N 23  
CBR H41    H  N N 24  
CBR H42    H  N N 25  
CBR "H2'"  H  N N 26  
CBR "H2''" H  N N 27  
CBR "H5'"  H  N N 28  
CBR "H5''" H  N N 29  
CBR "H4'"  H  N N 30  
CBR "H1'"  H  N N 31  
CBR "H3'"  H  N N 32  
CBR "HO3'" H  N N 33  
CBR HOP3   H  N N 34  
DA  OP3    O  N N 35  
DA  P      P  N N 36  
DA  OP1    O  N N 37  
DA  OP2    O  N N 38  
DA  "O5'"  O  N N 39  
DA  "C5'"  C  N N 40  
DA  "C4'"  C  N R 41  
DA  "O4'"  O  N N 42  
DA  "C3'"  C  N S 43  
DA  "O3'"  O  N N 44  
DA  "C2'"  C  N N 45  
DA  "C1'"  C  N R 46  
DA  N9     N  Y N 47  
DA  C8     C  Y N 48  
DA  N7     N  Y N 49  
DA  C5     C  Y N 50  
DA  C6     C  Y N 51  
DA  N6     N  N N 52  
DA  N1     N  Y N 53  
DA  C2     C  Y N 54  
DA  N3     N  Y N 55  
DA  C4     C  Y N 56  
DA  HOP3   H  N N 57  
DA  HOP2   H  N N 58  
DA  "H5'"  H  N N 59  
DA  "H5''" H  N N 60  
DA  "H4'"  H  N N 61  
DA  "H3'"  H  N N 62  
DA  "HO3'" H  N N 63  
DA  "H2'"  H  N N 64  
DA  "H2''" H  N N 65  
DA  "H1'"  H  N N 66  
DA  H8     H  N N 67  
DA  H61    H  N N 68  
DA  H62    H  N N 69  
DA  H2     H  N N 70  
DC  OP3    O  N N 71  
DC  P      P  N N 72  
DC  OP1    O  N N 73  
DC  OP2    O  N N 74  
DC  "O5'"  O  N N 75  
DC  "C5'"  C  N N 76  
DC  "C4'"  C  N R 77  
DC  "O4'"  O  N N 78  
DC  "C3'"  C  N S 79  
DC  "O3'"  O  N N 80  
DC  "C2'"  C  N N 81  
DC  "C1'"  C  N R 82  
DC  N1     N  N N 83  
DC  C2     C  N N 84  
DC  O2     O  N N 85  
DC  N3     N  N N 86  
DC  C4     C  N N 87  
DC  N4     N  N N 88  
DC  C5     C  N N 89  
DC  C6     C  N N 90  
DC  HOP3   H  N N 91  
DC  HOP2   H  N N 92  
DC  "H5'"  H  N N 93  
DC  "H5''" H  N N 94  
DC  "H4'"  H  N N 95  
DC  "H3'"  H  N N 96  
DC  "HO3'" H  N N 97  
DC  "H2'"  H  N N 98  
DC  "H2''" H  N N 99  
DC  "H1'"  H  N N 100 
DC  H41    H  N N 101 
DC  H42    H  N N 102 
DC  H5     H  N N 103 
DC  H6     H  N N 104 
DG  OP3    O  N N 105 
DG  P      P  N N 106 
DG  OP1    O  N N 107 
DG  OP2    O  N N 108 
DG  "O5'"  O  N N 109 
DG  "C5'"  C  N N 110 
DG  "C4'"  C  N R 111 
DG  "O4'"  O  N N 112 
DG  "C3'"  C  N S 113 
DG  "O3'"  O  N N 114 
DG  "C2'"  C  N N 115 
DG  "C1'"  C  N R 116 
DG  N9     N  Y N 117 
DG  C8     C  Y N 118 
DG  N7     N  Y N 119 
DG  C5     C  Y N 120 
DG  C6     C  N N 121 
DG  O6     O  N N 122 
DG  N1     N  N N 123 
DG  C2     C  N N 124 
DG  N2     N  N N 125 
DG  N3     N  N N 126 
DG  C4     C  Y N 127 
DG  HOP3   H  N N 128 
DG  HOP2   H  N N 129 
DG  "H5'"  H  N N 130 
DG  "H5''" H  N N 131 
DG  "H4'"  H  N N 132 
DG  "H3'"  H  N N 133 
DG  "HO3'" H  N N 134 
DG  "H2'"  H  N N 135 
DG  "H2''" H  N N 136 
DG  "H1'"  H  N N 137 
DG  H8     H  N N 138 
DG  H1     H  N N 139 
DG  H21    H  N N 140 
DG  H22    H  N N 141 
DT  OP3    O  N N 142 
DT  P      P  N N 143 
DT  OP1    O  N N 144 
DT  OP2    O  N N 145 
DT  "O5'"  O  N N 146 
DT  "C5'"  C  N N 147 
DT  "C4'"  C  N R 148 
DT  "O4'"  O  N N 149 
DT  "C3'"  C  N S 150 
DT  "O3'"  O  N N 151 
DT  "C2'"  C  N N 152 
DT  "C1'"  C  N R 153 
DT  N1     N  N N 154 
DT  C2     C  N N 155 
DT  O2     O  N N 156 
DT  N3     N  N N 157 
DT  C4     C  N N 158 
DT  O4     O  N N 159 
DT  C5     C  N N 160 
DT  C7     C  N N 161 
DT  C6     C  N N 162 
DT  HOP3   H  N N 163 
DT  HOP2   H  N N 164 
DT  "H5'"  H  N N 165 
DT  "H5''" H  N N 166 
DT  "H4'"  H  N N 167 
DT  "H3'"  H  N N 168 
DT  "HO3'" H  N N 169 
DT  "H2'"  H  N N 170 
DT  "H2''" H  N N 171 
DT  "H1'"  H  N N 172 
DT  H3     H  N N 173 
DT  H71    H  N N 174 
DT  H72    H  N N 175 
DT  H73    H  N N 176 
DT  H6     H  N N 177 
HOH O      O  N N 178 
HOH H1     H  N N 179 
HOH H2     H  N N 180 
# 
loop_
_chem_comp_bond.comp_id 
_chem_comp_bond.atom_id_1 
_chem_comp_bond.atom_id_2 
_chem_comp_bond.value_order 
_chem_comp_bond.pdbx_aromatic_flag 
_chem_comp_bond.pdbx_stereo_config 
_chem_comp_bond.pdbx_ordinal 
CBR BR    C5     sing N N 1   
CBR P     OP1    doub N N 2   
CBR P     OP2    sing N N 3   
CBR P     "O5'"  sing N N 4   
CBR P     OP3    sing N N 5   
CBR OP2   HOP2   sing N N 6   
CBR "O5'" "C5'"  sing N N 7   
CBR N1    C6     sing N N 8   
CBR N1    C2     sing N N 9   
CBR N1    "C1'"  sing N N 10  
CBR C6    C5     doub N N 11  
CBR C6    H6     sing N N 12  
CBR C2    O2     doub N N 13  
CBR C2    N3     sing N N 14  
CBR N3    C4     doub N N 15  
CBR C4    N4     sing N N 16  
CBR C4    C5     sing N N 17  
CBR N4    H41    sing N N 18  
CBR N4    H42    sing N N 19  
CBR "C2'" "C1'"  sing N N 20  
CBR "C2'" "C3'"  sing N N 21  
CBR "C2'" "H2'"  sing N N 22  
CBR "C2'" "H2''" sing N N 23  
CBR "C5'" "C4'"  sing N N 24  
CBR "C5'" "H5'"  sing N N 25  
CBR "C5'" "H5''" sing N N 26  
CBR "C4'" "O4'"  sing N N 27  
CBR "C4'" "C3'"  sing N N 28  
CBR "C4'" "H4'"  sing N N 29  
CBR "O4'" "C1'"  sing N N 30  
CBR "C1'" "H1'"  sing N N 31  
CBR "C3'" "O3'"  sing N N 32  
CBR "C3'" "H3'"  sing N N 33  
CBR "O3'" "HO3'" sing N N 34  
CBR OP3   HOP3   sing N N 35  
DA  OP3   P      sing N N 36  
DA  OP3   HOP3   sing N N 37  
DA  P     OP1    doub N N 38  
DA  P     OP2    sing N N 39  
DA  P     "O5'"  sing N N 40  
DA  OP2   HOP2   sing N N 41  
DA  "O5'" "C5'"  sing N N 42  
DA  "C5'" "C4'"  sing N N 43  
DA  "C5'" "H5'"  sing N N 44  
DA  "C5'" "H5''" sing N N 45  
DA  "C4'" "O4'"  sing N N 46  
DA  "C4'" "C3'"  sing N N 47  
DA  "C4'" "H4'"  sing N N 48  
DA  "O4'" "C1'"  sing N N 49  
DA  "C3'" "O3'"  sing N N 50  
DA  "C3'" "C2'"  sing N N 51  
DA  "C3'" "H3'"  sing N N 52  
DA  "O3'" "HO3'" sing N N 53  
DA  "C2'" "C1'"  sing N N 54  
DA  "C2'" "H2'"  sing N N 55  
DA  "C2'" "H2''" sing N N 56  
DA  "C1'" N9     sing N N 57  
DA  "C1'" "H1'"  sing N N 58  
DA  N9    C8     sing Y N 59  
DA  N9    C4     sing Y N 60  
DA  C8    N7     doub Y N 61  
DA  C8    H8     sing N N 62  
DA  N7    C5     sing Y N 63  
DA  C5    C6     sing Y N 64  
DA  C5    C4     doub Y N 65  
DA  C6    N6     sing N N 66  
DA  C6    N1     doub Y N 67  
DA  N6    H61    sing N N 68  
DA  N6    H62    sing N N 69  
DA  N1    C2     sing Y N 70  
DA  C2    N3     doub Y N 71  
DA  C2    H2     sing N N 72  
DA  N3    C4     sing Y N 73  
DC  OP3   P      sing N N 74  
DC  OP3   HOP3   sing N N 75  
DC  P     OP1    doub N N 76  
DC  P     OP2    sing N N 77  
DC  P     "O5'"  sing N N 78  
DC  OP2   HOP2   sing N N 79  
DC  "O5'" "C5'"  sing N N 80  
DC  "C5'" "C4'"  sing N N 81  
DC  "C5'" "H5'"  sing N N 82  
DC  "C5'" "H5''" sing N N 83  
DC  "C4'" "O4'"  sing N N 84  
DC  "C4'" "C3'"  sing N N 85  
DC  "C4'" "H4'"  sing N N 86  
DC  "O4'" "C1'"  sing N N 87  
DC  "C3'" "O3'"  sing N N 88  
DC  "C3'" "C2'"  sing N N 89  
DC  "C3'" "H3'"  sing N N 90  
DC  "O3'" "HO3'" sing N N 91  
DC  "C2'" "C1'"  sing N N 92  
DC  "C2'" "H2'"  sing N N 93  
DC  "C2'" "H2''" sing N N 94  
DC  "C1'" N1     sing N N 95  
DC  "C1'" "H1'"  sing N N 96  
DC  N1    C2     sing N N 97  
DC  N1    C6     sing N N 98  
DC  C2    O2     doub N N 99  
DC  C2    N3     sing N N 100 
DC  N3    C4     doub N N 101 
DC  C4    N4     sing N N 102 
DC  C4    C5     sing N N 103 
DC  N4    H41    sing N N 104 
DC  N4    H42    sing N N 105 
DC  C5    C6     doub N N 106 
DC  C5    H5     sing N N 107 
DC  C6    H6     sing N N 108 
DG  OP3   P      sing N N 109 
DG  OP3   HOP3   sing N N 110 
DG  P     OP1    doub N N 111 
DG  P     OP2    sing N N 112 
DG  P     "O5'"  sing N N 113 
DG  OP2   HOP2   sing N N 114 
DG  "O5'" "C5'"  sing N N 115 
DG  "C5'" "C4'"  sing N N 116 
DG  "C5'" "H5'"  sing N N 117 
DG  "C5'" "H5''" sing N N 118 
DG  "C4'" "O4'"  sing N N 119 
DG  "C4'" "C3'"  sing N N 120 
DG  "C4'" "H4'"  sing N N 121 
DG  "O4'" "C1'"  sing N N 122 
DG  "C3'" "O3'"  sing N N 123 
DG  "C3'" "C2'"  sing N N 124 
DG  "C3'" "H3'"  sing N N 125 
DG  "O3'" "HO3'" sing N N 126 
DG  "C2'" "C1'"  sing N N 127 
DG  "C2'" "H2'"  sing N N 128 
DG  "C2'" "H2''" sing N N 129 
DG  "C1'" N9     sing N N 130 
DG  "C1'" "H1'"  sing N N 131 
DG  N9    C8     sing Y N 132 
DG  N9    C4     sing Y N 133 
DG  C8    N7     doub Y N 134 
DG  C8    H8     sing N N 135 
DG  N7    C5     sing Y N 136 
DG  C5    C6     sing N N 137 
DG  C5    C4     doub Y N 138 
DG  C6    O6     doub N N 139 
DG  C6    N1     sing N N 140 
DG  N1    C2     sing N N 141 
DG  N1    H1     sing N N 142 
DG  C2    N2     sing N N 143 
DG  C2    N3     doub N N 144 
DG  N2    H21    sing N N 145 
DG  N2    H22    sing N N 146 
DG  N3    C4     sing N N 147 
DT  OP3   P      sing N N 148 
DT  OP3   HOP3   sing N N 149 
DT  P     OP1    doub N N 150 
DT  P     OP2    sing N N 151 
DT  P     "O5'"  sing N N 152 
DT  OP2   HOP2   sing N N 153 
DT  "O5'" "C5'"  sing N N 154 
DT  "C5'" "C4'"  sing N N 155 
DT  "C5'" "H5'"  sing N N 156 
DT  "C5'" "H5''" sing N N 157 
DT  "C4'" "O4'"  sing N N 158 
DT  "C4'" "C3'"  sing N N 159 
DT  "C4'" "H4'"  sing N N 160 
DT  "O4'" "C1'"  sing N N 161 
DT  "C3'" "O3'"  sing N N 162 
DT  "C3'" "C2'"  sing N N 163 
DT  "C3'" "H3'"  sing N N 164 
DT  "O3'" "HO3'" sing N N 165 
DT  "C2'" "C1'"  sing N N 166 
DT  "C2'" "H2'"  sing N N 167 
DT  "C2'" "H2''" sing N N 168 
DT  "C1'" N1     sing N N 169 
DT  "C1'" "H1'"  sing N N 170 
DT  N1    C2     sing N N 171 
DT  N1    C6     sing N N 172 
DT  C2    O2     doub N N 173 
DT  C2    N3     sing N N 174 
DT  N3    C4     sing N N 175 
DT  N3    H3     sing N N 176 
DT  C4    O4     doub N N 177 
DT  C4    C5     sing N N 178 
DT  C5    C7     sing N N 179 
DT  C5    C6     doub N N 180 
DT  C7    H71    sing N N 181 
DT  C7    H72    sing N N 182 
DT  C7    H73    sing N N 183 
DT  C6    H6     sing N N 184 
HOH O     H1     sing N N 185 
HOH O     H2     sing N N 186 
# 
_ndb_struct_conf_na.entry_id   238D 
_ndb_struct_conf_na.feature    'a-form double helix' 
# 
loop_
_ndb_struct_na_base_pair.model_number 
_ndb_struct_na_base_pair.i_label_asym_id 
_ndb_struct_na_base_pair.i_label_comp_id 
_ndb_struct_na_base_pair.i_label_seq_id 
_ndb_struct_na_base_pair.i_symmetry 
_ndb_struct_na_base_pair.j_label_asym_id 
_ndb_struct_na_base_pair.j_label_comp_id 
_ndb_struct_na_base_pair.j_label_seq_id 
_ndb_struct_na_base_pair.j_symmetry 
_ndb_struct_na_base_pair.shear 
_ndb_struct_na_base_pair.stretch 
_ndb_struct_na_base_pair.stagger 
_ndb_struct_na_base_pair.buckle 
_ndb_struct_na_base_pair.propeller 
_ndb_struct_na_base_pair.opening 
_ndb_struct_na_base_pair.pair_number 
_ndb_struct_na_base_pair.pair_name 
_ndb_struct_na_base_pair.i_auth_asym_id 
_ndb_struct_na_base_pair.i_auth_seq_id 
_ndb_struct_na_base_pair.i_PDB_ins_code 
_ndb_struct_na_base_pair.j_auth_asym_id 
_ndb_struct_na_base_pair.j_auth_seq_id 
_ndb_struct_na_base_pair.j_PDB_ins_code 
_ndb_struct_na_base_pair.hbond_type_28 
_ndb_struct_na_base_pair.hbond_type_12 
1 A DG  2 1_555 A DC  9 11_555 -0.079 -0.223 0.095  -4.261  -7.740  -0.997 1 A_DG2:DC9_A  A 2 ? A 9 ? 19 1 
1 A DG  3 1_555 A DC  8 11_555 -0.351 -0.185 -0.036 -13.177 -10.813 -1.155 2 A_DG3:DC8_A  A 3 ? A 8 ? 19 1 
1 A CBR 4 1_555 A DG  7 11_555 0.378  -0.405 0.167  0.792   -16.228 2.402  3 A_CBR4:DG7_A A 4 ? A 7 ? 19 1 
1 A DA  5 1_555 A DT  6 11_555 0.191  -0.054 -0.212 -0.854  -11.124 -2.496 4 A_DA5:DT6_A  A 5 ? A 6 ? 20 1 
1 A DT  6 1_555 A DA  5 11_555 -0.191 -0.054 -0.212 0.854   -11.124 -2.496 5 A_DT6:DA5_A  A 6 ? A 5 ? 20 1 
1 A DG  7 1_555 A CBR 4 11_555 -0.378 -0.405 0.167  -0.792  -16.228 2.402  6 A_DG7:CBR4_A A 7 ? A 4 ? 19 1 
1 A DC  8 1_555 A DG  3 11_555 0.351  -0.185 -0.036 13.177  -10.813 -1.155 7 A_DC8:DG3_A  A 8 ? A 3 ? 19 1 
1 A DC  9 1_555 A DG  2 11_555 0.079  -0.223 0.095  4.261   -7.740  -0.997 8 A_DC9:DG2_A  A 9 ? A 2 ? 19 1 
# 
loop_
_ndb_struct_na_base_pair_step.model_number 
_ndb_struct_na_base_pair_step.i_label_asym_id_1 
_ndb_struct_na_base_pair_step.i_label_comp_id_1 
_ndb_struct_na_base_pair_step.i_label_seq_id_1 
_ndb_struct_na_base_pair_step.i_symmetry_1 
_ndb_struct_na_base_pair_step.j_label_asym_id_1 
_ndb_struct_na_base_pair_step.j_label_comp_id_1 
_ndb_struct_na_base_pair_step.j_label_seq_id_1 
_ndb_struct_na_base_pair_step.j_symmetry_1 
_ndb_struct_na_base_pair_step.i_label_asym_id_2 
_ndb_struct_na_base_pair_step.i_label_comp_id_2 
_ndb_struct_na_base_pair_step.i_label_seq_id_2 
_ndb_struct_na_base_pair_step.i_symmetry_2 
_ndb_struct_na_base_pair_step.j_label_asym_id_2 
_ndb_struct_na_base_pair_step.j_label_comp_id_2 
_ndb_struct_na_base_pair_step.j_label_seq_id_2 
_ndb_struct_na_base_pair_step.j_symmetry_2 
_ndb_struct_na_base_pair_step.shift 
_ndb_struct_na_base_pair_step.slide 
_ndb_struct_na_base_pair_step.rise 
_ndb_struct_na_base_pair_step.tilt 
_ndb_struct_na_base_pair_step.roll 
_ndb_struct_na_base_pair_step.twist 
_ndb_struct_na_base_pair_step.x_displacement 
_ndb_struct_na_base_pair_step.y_displacement 
_ndb_struct_na_base_pair_step.helical_rise 
_ndb_struct_na_base_pair_step.inclination 
_ndb_struct_na_base_pair_step.tip 
_ndb_struct_na_base_pair_step.helical_twist 
_ndb_struct_na_base_pair_step.step_number 
_ndb_struct_na_base_pair_step.step_name 
_ndb_struct_na_base_pair_step.i_auth_asym_id_1 
_ndb_struct_na_base_pair_step.i_auth_seq_id_1 
_ndb_struct_na_base_pair_step.i_PDB_ins_code_1 
_ndb_struct_na_base_pair_step.j_auth_asym_id_1 
_ndb_struct_na_base_pair_step.j_auth_seq_id_1 
_ndb_struct_na_base_pair_step.j_PDB_ins_code_1 
_ndb_struct_na_base_pair_step.i_auth_asym_id_2 
_ndb_struct_na_base_pair_step.i_auth_seq_id_2 
_ndb_struct_na_base_pair_step.i_PDB_ins_code_2 
_ndb_struct_na_base_pair_step.j_auth_asym_id_2 
_ndb_struct_na_base_pair_step.j_auth_seq_id_2 
_ndb_struct_na_base_pair_step.j_PDB_ins_code_2 
1 A DG  2 1_555 A DC  9 11_555 A DG  3 1_555 A DC  8 11_555 0.449  -1.683 3.461 1.780  5.261  34.396 -3.632 -0.473 3.195 8.824  
-2.985 34.828 1 AA_DG2DG3:DC8DC9_AA  A 2 ? A 9 ? A 3 ? A 8 ? 
1 A DG  3 1_555 A DC  8 11_555 A CBR 4 1_555 A DG  7 11_555 -0.257 -0.972 3.004 -2.145 5.031  34.362 -2.317 0.135  2.848 8.449  
3.603  34.781 2 AA_DG3CBR4:DG7DC8_AA A 3 ? A 8 ? A 4 ? A 7 ? 
1 A CBR 4 1_555 A DG  7 11_555 A DA  5 1_555 A DT  6 11_555 -0.778 -1.280 3.208 1.481  15.133 32.490 -4.035 1.458  2.363 25.386 
-2.484 35.785 3 AA_CBR4DA5:DT6DG7_AA A 4 ? A 7 ? A 5 ? A 6 ? 
1 A DA  5 1_555 A DT  6 11_555 A DT  6 1_555 A DA  5 11_555 0.000  -0.461 3.349 0.000  5.945  27.707 -2.329 0.000  3.182 12.236 
0.000  28.325 4 AA_DA5DT6:DA5DT6_AA  A 5 ? A 6 ? A 6 ? A 5 ? 
1 A DT  6 1_555 A DA  5 11_555 A DG  7 1_555 A CBR 4 11_555 0.778  -1.280 3.208 -1.481 15.133 32.490 -4.035 -1.458 2.363 25.386 
2.484  35.785 5 AA_DT6DG7:CBR4DA5_AA A 6 ? A 5 ? A 7 ? A 4 ? 
1 A DG  7 1_555 A CBR 4 11_555 A DC  8 1_555 A DG  3 11_555 0.257  -0.972 3.004 2.145  5.031  34.362 -2.317 -0.135 2.848 8.449  
-3.603 34.781 6 AA_DG7DC8:DG3CBR4_AA A 7 ? A 4 ? A 8 ? A 3 ? 
1 A DC  8 1_555 A DG  3 11_555 A DC  9 1_555 A DG  2 11_555 -0.449 -1.683 3.461 -1.780 5.261  34.396 -3.632 0.473  3.195 8.824  
2.985  34.828 7 AA_DC8DC9:DG2DG3_AA  A 8 ? A 3 ? A 9 ? A 2 ? 
# 
_atom_sites.entry_id                    238D 
_atom_sites.fract_transf_matrix[1][1]   0.02392273 
_atom_sites.fract_transf_matrix[1][2]   -0.02222082 
_atom_sites.fract_transf_matrix[1][3]   0.01198039 
_atom_sites.fract_transf_matrix[2][1]   0.00867761 
_atom_sites.fract_transf_matrix[2][2]   -0.02798052 
_atom_sites.fract_transf_matrix[2][3]   -0.01874482 
_atom_sites.fract_transf_matrix[3][1]   0.00930759 
_atom_sites.fract_transf_matrix[3][2]   0.00683931 
_atom_sites.fract_transf_matrix[3][3]   -0.00590029 
_atom_sites.fract_transf_vector[1]      0.379422 
_atom_sites.fract_transf_vector[2]      0.866632 
_atom_sites.fract_transf_vector[3]      0.235272 
# 
loop_
_atom_type.symbol 
BR 
C  
N  
O  
P  
# 
loop_
_atom_site.group_PDB 
_atom_site.id 
_atom_site.type_symbol 
_atom_site.label_atom_id 
_atom_site.label_alt_id 
_atom_site.label_comp_id 
_atom_site.label_asym_id 
_atom_site.label_entity_id 
_atom_site.label_seq_id 
_atom_site.pdbx_PDB_ins_code 
_atom_site.Cartn_x 
_atom_site.Cartn_y 
_atom_site.Cartn_z 
_atom_site.occupancy 
_atom_site.B_iso_or_equiv 
_atom_site.pdbx_formal_charge 
_atom_site.auth_seq_id 
_atom_site.auth_comp_id 
_atom_site.auth_asym_id 
_atom_site.auth_atom_id 
_atom_site.pdbx_PDB_model_num 
ATOM   1   O  "O5'" . DA  A 1 1  ? 8.721   8.175   10.361  1.00 44.06 ? 1  DA  A "O5'" 1 
ATOM   2   C  "C5'" . DA  A 1 1  ? 8.795   6.760   10.105  1.00 42.48 ? 1  DA  A "C5'" 1 
ATOM   3   C  "C4'" . DA  A 1 1  ? 8.009   5.873   11.035  1.00 40.52 ? 1  DA  A "C4'" 1 
ATOM   4   O  "O4'" . DA  A 1 1  ? 8.504   5.787   12.365  1.00 39.78 ? 1  DA  A "O4'" 1 
ATOM   5   C  "C3'" . DA  A 1 1  ? 6.652   6.493   11.103  1.00 40.18 ? 1  DA  A "C3'" 1 
ATOM   6   O  "O3'" . DA  A 1 1  ? 5.948   5.839   10.069  1.00 41.15 ? 1  DA  A "O3'" 1 
ATOM   7   C  "C2'" . DA  A 1 1  ? 6.188   6.080   12.451  1.00 39.31 ? 1  DA  A "C2'" 1 
ATOM   8   C  "C1'" . DA  A 1 1  ? 7.393   5.835   13.268  1.00 37.24 ? 1  DA  A "C1'" 1 
ATOM   9   N  N9    . DA  A 1 1  ? 7.496   6.906   14.246  1.00 34.09 ? 1  DA  A N9    1 
ATOM   10  C  C8    . DA  A 1 1  ? 6.867   8.105   14.338  1.00 33.47 ? 1  DA  A C8    1 
ATOM   11  N  N7    . DA  A 1 1  ? 7.214   8.791   15.385  1.00 32.73 ? 1  DA  A N7    1 
ATOM   12  C  C5    . DA  A 1 1  ? 8.125   8.003   16.008  1.00 32.10 ? 1  DA  A C5    1 
ATOM   13  C  C6    . DA  A 1 1  ? 8.900   8.185   17.136  1.00 31.78 ? 1  DA  A C6    1 
ATOM   14  N  N6    . DA  A 1 1  ? 8.874   9.237   17.953  1.00 32.13 ? 1  DA  A N6    1 
ATOM   15  N  N1    . DA  A 1 1  ? 9.733   7.175   17.413  1.00 31.28 ? 1  DA  A N1    1 
ATOM   16  C  C2    . DA  A 1 1  ? 9.800   6.087   16.665  1.00 30.40 ? 1  DA  A C2    1 
ATOM   17  N  N3    . DA  A 1 1  ? 9.121   5.810   15.602  1.00 31.72 ? 1  DA  A N3    1 
ATOM   18  C  C4    . DA  A 1 1  ? 8.294   6.839   15.324  1.00 32.70 ? 1  DA  A C4    1 
ATOM   19  P  P     . DG  A 1 2  ? 4.883   6.595   9.170   1.00 41.62 ? 2  DG  A P     1 
ATOM   20  O  OP1   . DG  A 1 2  ? 3.966   7.406   10.011  1.00 42.07 ? 2  DG  A OP1   1 
ATOM   21  O  OP2   . DG  A 1 2  ? 4.434   5.568   8.198   1.00 42.50 ? 2  DG  A OP2   1 
ATOM   22  O  "O5'" . DG  A 1 2  ? 5.643   7.684   8.244   1.00 41.67 ? 2  DG  A "O5'" 1 
ATOM   23  C  "C5'" . DG  A 1 2  ? 5.650   9.088   8.421   1.00 38.03 ? 2  DG  A "C5'" 1 
ATOM   24  C  "C4'" . DG  A 1 2  ? 6.543   9.631   7.309   1.00 36.73 ? 2  DG  A "C4'" 1 
ATOM   25  O  "O4'" . DG  A 1 2  ? 7.916   9.183   7.350   1.00 34.74 ? 2  DG  A "O4'" 1 
ATOM   26  C  "C3'" . DG  A 1 2  ? 5.989   9.096   5.996   1.00 34.99 ? 2  DG  A "C3'" 1 
ATOM   27  O  "O3'" . DG  A 1 2  ? 4.883   9.883   5.677   1.00 34.98 ? 2  DG  A "O3'" 1 
ATOM   28  C  "C2'" . DG  A 1 2  ? 7.163   9.454   5.103   1.00 33.99 ? 2  DG  A "C2'" 1 
ATOM   29  C  "C1'" . DG  A 1 2  ? 8.249   9.021   5.975   1.00 31.90 ? 2  DG  A "C1'" 1 
ATOM   30  N  N9    . DG  A 1 2  ? 8.542   7.659   5.846   1.00 29.07 ? 2  DG  A N9    1 
ATOM   31  C  C8    . DG  A 1 2  ? 8.368   6.639   6.732   1.00 29.27 ? 2  DG  A C8    1 
ATOM   32  N  N7    . DG  A 1 2  ? 8.875   5.491   6.343   1.00 28.73 ? 2  DG  A N7    1 
ATOM   33  C  C5    . DG  A 1 2  ? 9.427   5.820   5.099   1.00 29.03 ? 2  DG  A C5    1 
ATOM   34  C  C6    . DG  A 1 2  ? 10.136  4.990   4.207   1.00 28.36 ? 2  DG  A C6    1 
ATOM   35  O  O6    . DG  A 1 2  ? 10.415  3.795   4.380   1.00 31.85 ? 2  DG  A O6    1 
ATOM   36  N  N1    . DG  A 1 2  ? 10.536  5.690   3.103   1.00 25.93 ? 2  DG  A N1    1 
ATOM   37  C  C2    . DG  A 1 2  ? 10.290  7.021   2.891   1.00 25.86 ? 2  DG  A C2    1 
ATOM   38  N  N2    . DG  A 1 2  ? 10.757  7.545   1.773   1.00 23.84 ? 2  DG  A N2    1 
ATOM   39  N  N3    . DG  A 1 2  ? 9.613   7.806   3.721   1.00 27.31 ? 2  DG  A N3    1 
ATOM   40  C  C4    . DG  A 1 2  ? 9.219   7.135   4.798   1.00 28.08 ? 2  DG  A C4    1 
ATOM   41  P  P     . DG  A 1 3  ? 3.812   9.235   4.691   1.00 34.26 ? 3  DG  A P     1 
ATOM   42  O  OP1   . DG  A 1 3  ? 2.769   10.314  4.582   1.00 32.45 ? 3  DG  A OP1   1 
ATOM   43  O  OP2   . DG  A 1 3  ? 3.626   7.801   5.156   1.00 32.31 ? 3  DG  A OP2   1 
ATOM   44  O  "O5'" . DG  A 1 3  ? 4.631   9.182   3.183   1.00 32.46 ? 3  DG  A "O5'" 1 
ATOM   45  C  "C5'" . DG  A 1 3  ? 4.801   10.127  2.103   1.00 26.63 ? 3  DG  A "C5'" 1 
ATOM   46  C  "C4'" . DG  A 1 3  ? 5.777   9.538   1.132   1.00 24.04 ? 3  DG  A "C4'" 1 
ATOM   47  O  "O4'" . DG  A 1 3  ? 6.715   8.779   1.853   1.00 22.50 ? 3  DG  A "O4'" 1 
ATOM   48  C  "C3'" . DG  A 1 3  ? 5.179   8.527   0.212   1.00 23.56 ? 3  DG  A "C3'" 1 
ATOM   49  O  "O3'" . DG  A 1 3  ? 4.393   9.233   -0.645  1.00 23.69 ? 3  DG  A "O3'" 1 
ATOM   50  C  "C2'" . DG  A 1 3  ? 6.396   7.985   -0.420  1.00 22.03 ? 3  DG  A "C2'" 1 
ATOM   51  C  "C1'" . DG  A 1 3  ? 7.266   7.942   0.829   1.00 22.84 ? 3  DG  A "C1'" 1 
ATOM   52  N  N9    . DG  A 1 3  ? 7.336   6.655   1.427   1.00 21.12 ? 3  DG  A N9    1 
ATOM   53  C  C8    . DG  A 1 3  ? 6.839   6.275   2.597   1.00 22.95 ? 3  DG  A C8    1 
ATOM   54  N  N7    . DG  A 1 3  ? 7.032   5.016   2.906   1.00 21.59 ? 3  DG  A N7    1 
ATOM   55  C  C5    . DG  A 1 3  ? 7.717   4.589   1.833   1.00 21.29 ? 3  DG  A C5    1 
ATOM   56  C  C6    . DG  A 1 3  ? 8.224   3.312   1.622   1.00 22.21 ? 3  DG  A C6    1 
ATOM   57  O  O6    . DG  A 1 3  ? 8.210   2.394   2.433   1.00 25.45 ? 3  DG  A O6    1 
ATOM   58  N  N1    . DG  A 1 3  ? 8.868   3.201   0.428   1.00 20.87 ? 3  DG  A N1    1 
ATOM   59  C  C2    . DG  A 1 3  ? 8.997   4.258   -0.450  1.00 21.32 ? 3  DG  A C2    1 
ATOM   60  N  N2    . DG  A 1 3  ? 9.643   3.964   -1.565  1.00 22.64 ? 3  DG  A N2    1 
ATOM   61  N  N3    . DG  A 1 3  ? 8.519   5.502   -0.258  1.00 20.85 ? 3  DG  A N3    1 
ATOM   62  C  C4    . DG  A 1 3  ? 7.897   5.576   0.924   1.00 20.97 ? 3  DG  A C4    1 
HETATM 63  BR BR    . CBR A 1 4  ? 3.861   4.838   0.923   1.00 30.37 ? 4  CBR A BR    1 
HETATM 64  P  P     . CBR A 1 4  ? 3.106   8.602   -1.392  1.00 27.45 ? 4  CBR A P     1 
HETATM 65  O  OP1   . CBR A 1 4  ? 2.495   9.620   -2.249  1.00 28.83 ? 4  CBR A OP1   1 
HETATM 66  O  OP2   . CBR A 1 4  ? 2.228   7.801   -0.464  1.00 28.49 ? 4  CBR A OP2   1 
HETATM 67  O  "O5'" . CBR A 1 4  ? 3.806   7.596   -2.397  1.00 26.35 ? 4  CBR A "O5'" 1 
HETATM 68  N  N1    . CBR A 1 4  ? 5.933   4.255   -2.464  1.00 23.14 ? 4  CBR A N1    1 
HETATM 69  C  C6    . CBR A 1 4  ? 5.143   4.771   -1.512  1.00 23.71 ? 4  CBR A C6    1 
HETATM 70  C  C2    . CBR A 1 4  ? 6.445   2.990   -2.300  1.00 23.38 ? 4  CBR A C2    1 
HETATM 71  O  O2    . CBR A 1 4  ? 7.057   2.499   -3.235  1.00 24.54 ? 4  CBR A O2    1 
HETATM 72  N  N3    . CBR A 1 4  ? 6.214   2.221   -1.190  1.00 22.88 ? 4  CBR A N3    1 
HETATM 73  C  C4    . CBR A 1 4  ? 5.428   2.760   -0.244  1.00 23.21 ? 4  CBR A C4    1 
HETATM 74  N  N4    . CBR A 1 4  ? 5.181   2.120   0.902   1.00 21.09 ? 4  CBR A N4    1 
HETATM 75  C  C5    . CBR A 1 4  ? 4.873   4.067   -0.413  1.00 23.27 ? 4  CBR A C5    1 
HETATM 76  C  "C2'" . CBR A 1 4  ? 5.359   4.779   -4.870  1.00 24.65 ? 4  CBR A "C2'" 1 
HETATM 77  C  "C5'" . CBR A 1 4  ? 4.299   8.069   -3.657  1.00 25.65 ? 4  CBR A "C5'" 1 
HETATM 78  C  "C4'" . CBR A 1 4  ? 5.131   6.996   -4.311  1.00 25.72 ? 4  CBR A "C4'" 1 
HETATM 79  O  "O4'" . CBR A 1 4  ? 6.136   6.464   -3.394  1.00 25.03 ? 4  CBR A "O4'" 1 
HETATM 80  C  "C1'" . CBR A 1 4  ? 6.282   5.055   -3.696  1.00 24.66 ? 4  CBR A "C1'" 1 
HETATM 81  C  "C3'" . CBR A 1 4  ? 4.253   5.807   -4.621  1.00 24.98 ? 4  CBR A "C3'" 1 
HETATM 82  O  "O3'" . CBR A 1 4  ? 3.458   6.109   -5.784  1.00 27.40 ? 4  CBR A "O3'" 1 
ATOM   83  P  P     . DA  A 1 5  ? 2.224   5.239   -6.337  1.00 28.21 ? 5  DA  A P     1 
ATOM   84  O  OP1   . DA  A 1 5  ? 1.685   5.896   -7.559  1.00 30.31 ? 5  DA  A OP1   1 
ATOM   85  O  OP2   . DA  A 1 5  ? 1.385   5.086   -5.114  1.00 30.92 ? 5  DA  A OP2   1 
ATOM   86  O  "O5'" . DA  A 1 5  ? 2.852   3.823   -6.695  1.00 27.60 ? 5  DA  A "O5'" 1 
ATOM   87  C  "C5'" . DA  A 1 5  ? 3.761   3.581   -7.777  1.00 26.86 ? 5  DA  A "C5'" 1 
ATOM   88  C  "C4'" . DA  A 1 5  ? 4.198   2.132   -7.972  1.00 25.43 ? 5  DA  A "C4'" 1 
ATOM   89  O  "O4'" . DA  A 1 5  ? 4.964   1.628   -6.923  1.00 23.19 ? 5  DA  A "O4'" 1 
ATOM   90  C  "C3'" . DA  A 1 5  ? 3.004   1.250   -7.875  1.00 26.37 ? 5  DA  A "C3'" 1 
ATOM   91  O  "O3'" . DA  A 1 5  ? 2.349   1.242   -9.166  1.00 29.66 ? 5  DA  A "O3'" 1 
ATOM   92  C  "C2'" . DA  A 1 5  ? 3.670   -0.058  -7.537  1.00 22.02 ? 5  DA  A "C2'" 1 
ATOM   93  C  "C1'" . DA  A 1 5  ? 4.634   0.287   -6.560  1.00 19.83 ? 5  DA  A "C1'" 1 
ATOM   94  N  N9    . DA  A 1 5  ? 4.237   0.343   -5.111  1.00 16.70 ? 5  DA  A N9    1 
ATOM   95  C  C8    . DA  A 1 5  ? 3.697   1.371   -4.401  1.00 15.47 ? 5  DA  A C8    1 
ATOM   96  N  N7    . DA  A 1 5  ? 3.586   1.179   -3.161  1.00 13.26 ? 5  DA  A N7    1 
ATOM   97  C  C5    . DA  A 1 5  ? 4.063   -0.063  -2.984  1.00 14.88 ? 5  DA  A C5    1 
ATOM   98  C  C6    . DA  A 1 5  ? 4.162   -0.860  -1.854  1.00 14.89 ? 5  DA  A C6    1 
ATOM   99  N  N6    . DA  A 1 5  ? 3.798   -0.511  -0.629  1.00 14.96 ? 5  DA  A N6    1 
ATOM   100 N  N1    . DA  A 1 5  ? 4.652   -2.074  -2.061  1.00 17.12 ? 5  DA  A N1    1 
ATOM   101 C  C2    . DA  A 1 5  ? 5.022   -2.461  -3.269  1.00 16.17 ? 5  DA  A C2    1 
ATOM   102 N  N3    . DA  A 1 5  ? 4.972   -1.827  -4.387  1.00 16.08 ? 5  DA  A N3    1 
ATOM   103 C  C4    . DA  A 1 5  ? 4.462   -0.601  -4.162  1.00 15.47 ? 5  DA  A C4    1 
ATOM   104 P  P     . DT  A 1 6  ? 0.812   0.672   -9.365  1.00 31.93 ? 6  DT  A P     1 
ATOM   105 O  OP1   . DT  A 1 6  ? 0.576   0.604   -10.832 1.00 33.87 ? 6  DT  A OP1   1 
ATOM   106 O  OP2   . DT  A 1 6  ? -0.048  1.596   -8.568  1.00 32.09 ? 6  DT  A OP2   1 
ATOM   107 O  "O5'" . DT  A 1 6  ? 0.811   -0.841  -8.770  1.00 28.82 ? 6  DT  A "O5'" 1 
ATOM   108 C  "C5'" . DT  A 1 6  ? 0.890   -1.884  -9.703  1.00 28.62 ? 6  DT  A "C5'" 1 
ATOM   109 C  "C4'" . DT  A 1 6  ? 1.373   -3.141  -9.005  1.00 29.82 ? 6  DT  A "C4'" 1 
ATOM   110 O  "O4'" . DT  A 1 6  ? 2.237   -2.835  -7.913  1.00 27.72 ? 6  DT  A "O4'" 1 
ATOM   111 C  "C3'" . DT  A 1 6  ? 0.266   -3.844  -8.246  1.00 31.42 ? 6  DT  A "C3'" 1 
ATOM   112 O  "O3'" . DT  A 1 6  ? -0.480  -4.601  -9.153  1.00 37.05 ? 6  DT  A "O3'" 1 
ATOM   113 C  "C2'" . DT  A 1 6  ? 0.943   -4.748  -7.256  1.00 29.01 ? 6  DT  A "C2'" 1 
ATOM   114 C  "C1'" . DT  A 1 6  ? 1.950   -3.777  -6.807  1.00 25.64 ? 6  DT  A "C1'" 1 
ATOM   115 N  N1    . DT  A 1 6  ? 1.505   -2.965  -5.672  1.00 21.93 ? 6  DT  A N1    1 
ATOM   116 C  C2    . DT  A 1 6  ? 1.643   -3.588  -4.487  1.00 21.36 ? 6  DT  A C2    1 
ATOM   117 O  O2    . DT  A 1 6  ? 2.029   -4.742  -4.347  1.00 22.44 ? 6  DT  A O2    1 
ATOM   118 N  N3    . DT  A 1 6  ? 1.343   -2.848  -3.420  1.00 20.30 ? 6  DT  A N3    1 
ATOM   119 C  C4    . DT  A 1 6  ? 0.933   -1.567  -3.502  1.00 18.95 ? 6  DT  A C4    1 
ATOM   120 O  O4    . DT  A 1 6  ? 0.766   -1.032  -2.422  1.00 21.04 ? 6  DT  A O4    1 
ATOM   121 C  C5    . DT  A 1 6  ? 0.798   -0.967  -4.776  1.00 16.78 ? 6  DT  A C5    1 
ATOM   122 C  C7    . DT  A 1 6  ? 0.273   0.428   -4.902  1.00 16.92 ? 6  DT  A C7    1 
ATOM   123 C  C6    . DT  A 1 6  ? 1.081   -1.673  -5.808  1.00 18.50 ? 6  DT  A C6    1 
ATOM   124 P  P     . DG  A 1 7  ? -2.113  -4.393  -8.934  1.00 38.57 ? 7  DG  A P     1 
ATOM   125 O  OP1   . DG  A 1 7  ? -2.575  -4.824  -10.277 1.00 41.85 ? 7  DG  A OP1   1 
ATOM   126 O  OP2   . DG  A 1 7  ? -2.405  -2.994  -8.477  1.00 39.70 ? 7  DG  A OP2   1 
ATOM   127 O  "O5'" . DG  A 1 7  ? -2.540  -5.391  -7.754  1.00 37.03 ? 7  DG  A "O5'" 1 
ATOM   128 C  "C5'" . DG  A 1 7  ? -2.240  -6.770  -7.722  1.00 35.02 ? 7  DG  A "C5'" 1 
ATOM   129 C  "C4'" . DG  A 1 7  ? -2.198  -7.442  -6.305  1.00 34.33 ? 7  DG  A "C4'" 1 
ATOM   130 O  "O4'" . DG  A 1 7  ? -1.167  -6.903  -5.467  1.00 33.85 ? 7  DG  A "O4'" 1 
ATOM   131 C  "C3'" . DG  A 1 7  ? -3.493  -7.257  -5.565  1.00 34.14 ? 7  DG  A "C3'" 1 
ATOM   132 O  "O3'" . DG  A 1 7  ? -4.366  -8.276  -6.050  1.00 35.44 ? 7  DG  A "O3'" 1 
ATOM   133 C  "C2'" . DG  A 1 7  ? -2.942  -7.633  -4.211  1.00 32.86 ? 7  DG  A "C2'" 1 
ATOM   134 C  "C1'" . DG  A 1 7  ? -1.634  -6.855  -4.122  1.00 30.67 ? 7  DG  A "C1'" 1 
ATOM   135 N  N9    . DG  A 1 7  ? -1.833  -5.408  -3.678  1.00 25.68 ? 7  DG  A N9    1 
ATOM   136 C  C8    . DG  A 1 7  ? -1.971  -4.218  -4.407  1.00 23.73 ? 7  DG  A C8    1 
ATOM   137 N  N7    . DG  A 1 7  ? -2.081  -3.138  -3.672  1.00 20.83 ? 7  DG  A N7    1 
ATOM   138 C  C5    . DG  A 1 7  ? -2.003  -3.684  -2.380  1.00 20.67 ? 7  DG  A C5    1 
ATOM   139 C  C6    . DG  A 1 7  ? -2.090  -3.013  -1.165  1.00 20.22 ? 7  DG  A C6    1 
ATOM   140 O  O6    . DG  A 1 7  ? -2.092  -1.795  -1.051  1.00 19.36 ? 7  DG  A O6    1 
ATOM   141 N  N1    . DG  A 1 7  ? -2.048  -3.882  -0.062  1.00 19.40 ? 7  DG  A N1    1 
ATOM   142 C  C2    . DG  A 1 7  ? -1.922  -5.224  -0.157  1.00 19.11 ? 7  DG  A C2    1 
ATOM   143 N  N2    . DG  A 1 7  ? -1.885  -5.895  0.925   1.00 19.61 ? 7  DG  A N2    1 
ATOM   144 N  N3    . DG  A 1 7  ? -1.827  -5.864  -1.271  1.00 21.47 ? 7  DG  A N3    1 
ATOM   145 C  C4    . DG  A 1 7  ? -1.873  -5.035  -2.359  1.00 21.79 ? 7  DG  A C4    1 
ATOM   146 P  P     . DC  A 1 8  ? -5.935  -8.203  -6.139  1.00 35.07 ? 8  DC  A P     1 
ATOM   147 O  OP1   . DC  A 1 8  ? -6.317  -9.496  -6.776  1.00 36.07 ? 8  DC  A OP1   1 
ATOM   148 O  OP2   . DC  A 1 8  ? -6.376  -6.906  -6.669  1.00 32.32 ? 8  DC  A OP2   1 
ATOM   149 O  "O5'" . DC  A 1 8  ? -6.311  -8.256  -4.605  1.00 30.19 ? 8  DC  A "O5'" 1 
ATOM   150 C  "C5'" . DC  A 1 8  ? -6.090  -9.434  -3.944  1.00 28.91 ? 8  DC  A "C5'" 1 
ATOM   151 C  "C4'" . DC  A 1 8  ? -6.314  -9.187  -2.490  1.00 30.36 ? 8  DC  A "C4'" 1 
ATOM   152 O  "O4'" . DC  A 1 8  ? -5.484  -8.109  -2.044  1.00 30.32 ? 8  DC  A "O4'" 1 
ATOM   153 C  "C3'" . DC  A 1 8  ? -7.727  -8.784  -2.187  1.00 30.74 ? 8  DC  A "C3'" 1 
ATOM   154 O  "O3'" . DC  A 1 8  ? -8.072  -9.579  -1.086  1.00 34.48 ? 8  DC  A "O3'" 1 
ATOM   155 C  "C2'" . DC  A 1 8  ? -7.564  -7.351  -1.747  1.00 30.18 ? 8  DC  A "C2'" 1 
ATOM   156 C  "C1'" . DC  A 1 8  ? -6.144  -7.192  -1.225  1.00 27.99 ? 8  DC  A "C1'" 1 
ATOM   157 N  N1    . DC  A 1 8  ? -5.804  -5.815  -1.502  1.00 25.32 ? 8  DC  A N1    1 
ATOM   158 C  C2    . DC  A 1 8  ? -5.556  -5.003  -0.413  1.00 23.91 ? 8  DC  A C2    1 
ATOM   159 O  O2    . DC  A 1 8  ? -5.460  -5.485  0.719   1.00 21.28 ? 8  DC  A O2    1 
ATOM   160 N  N3    . DC  A 1 8  ? -5.371  -3.655  -0.658  1.00 22.00 ? 8  DC  A N3    1 
ATOM   161 C  C4    . DC  A 1 8  ? -5.430  -3.217  -1.898  1.00 20.95 ? 8  DC  A C4    1 
ATOM   162 N  N4    . DC  A 1 8  ? -5.275  -1.941  -2.058  1.00 21.40 ? 8  DC  A N4    1 
ATOM   163 C  C5    . DC  A 1 8  ? -5.662  -4.031  -3.010  1.00 20.99 ? 8  DC  A C5    1 
ATOM   164 C  C6    . DC  A 1 8  ? -5.844  -5.323  -2.759  1.00 22.68 ? 8  DC  A C6    1 
ATOM   165 P  P     . DC  A 1 9  ? -9.536  -9.595  -0.380  1.00 34.54 ? 9  DC  A P     1 
ATOM   166 O  OP1   . DC  A 1 9  ? -9.680  -11.007 0.024   1.00 36.15 ? 9  DC  A OP1   1 
ATOM   167 O  OP2   . DC  A 1 9  ? -10.498 -8.977  -1.296  1.00 34.43 ? 9  DC  A OP2   1 
ATOM   168 O  "O5'" . DC  A 1 9  ? -9.441  -8.665  0.939   1.00 33.99 ? 9  DC  A "O5'" 1 
ATOM   169 C  "C5'" . DC  A 1 9  ? -8.600  -8.983  2.012   1.00 32.25 ? 9  DC  A "C5'" 1 
ATOM   170 C  "C4'" . DC  A 1 9  ? -8.761  -7.940  3.048   1.00 31.99 ? 9  DC  A "C4'" 1 
ATOM   171 O  "O4'" . DC  A 1 9  ? -8.345  -6.656  2.635   1.00 29.66 ? 9  DC  A "O4'" 1 
ATOM   172 C  "C3'" . DC  A 1 9  ? -10.236 -7.763  3.346   1.00 33.37 ? 9  DC  A "C3'" 1 
ATOM   173 O  "O3'" . DC  A 1 9  ? -10.361 -7.699  4.739   1.00 38.06 ? 9  DC  A "O3'" 1 
ATOM   174 C  "C2'" . DC  A 1 9  ? -10.594 -6.389  2.794   1.00 32.67 ? 9  DC  A "C2'" 1 
ATOM   175 C  "C1'" . DC  A 1 9  ? -9.310  -5.646  2.995   1.00 28.91 ? 9  DC  A "C1'" 1 
ATOM   176 N  N1    . DC  A 1 9  ? -9.195  -4.586  2.038   1.00 26.10 ? 9  DC  A N1    1 
ATOM   177 C  C2    . DC  A 1 9  ? -8.997  -3.282  2.464   1.00 24.20 ? 9  DC  A C2    1 
ATOM   178 O  O2    . DC  A 1 9  ? -9.037  -3.033  3.658   1.00 21.61 ? 9  DC  A O2    1 
ATOM   179 N  N3    . DC  A 1 9  ? -8.749  -2.303  1.516   1.00 24.66 ? 9  DC  A N3    1 
ATOM   180 C  C4    . DC  A 1 9  ? -8.715  -2.641  0.203   1.00 24.10 ? 9  DC  A C4    1 
ATOM   181 N  N4    . DC  A 1 9  ? -8.497  -1.750  -0.750  1.00 24.10 ? 9  DC  A N4    1 
ATOM   182 C  C5    . DC  A 1 9  ? -8.922  -3.997  -0.218  1.00 25.34 ? 9  DC  A C5    1 
ATOM   183 C  C6    . DC  A 1 9  ? -9.160  -4.931  0.731   1.00 25.39 ? 9  DC  A C6    1 
ATOM   184 P  P     . DT  A 1 10 ? -11.097 -8.930  5.419   1.00 54.11 ? 10 DT  A P     1 
ATOM   185 O  OP1   . DT  A 1 10 ? -11.095 -10.228 4.649   1.00 54.51 ? 10 DT  A OP1   1 
ATOM   186 O  OP2   . DT  A 1 10 ? -12.408 -8.381  5.917   1.00 54.35 ? 10 DT  A OP2   1 
ATOM   187 O  "O5'" . DT  A 1 10 ? -10.086 -9.338  6.710   1.00 52.08 ? 10 DT  A "O5'" 1 
ATOM   188 C  "C5'" . DT  A 1 10 ? -9.006  -10.256 6.483   1.00 49.81 ? 10 DT  A "C5'" 1 
ATOM   189 C  "C4'" . DT  A 1 10 ? -7.808  -10.046 7.389   1.00 47.81 ? 10 DT  A "C4'" 1 
ATOM   190 O  "O4'" . DT  A 1 10 ? -7.700  -8.637  7.616   1.00 45.96 ? 10 DT  A "O4'" 1 
ATOM   191 C  "C3'" . DT  A 1 10 ? -7.890  -10.643 8.794   1.00 48.50 ? 10 DT  A "C3'" 1 
ATOM   192 O  "O3'" . DT  A 1 10 ? -6.502  -10.896 9.162   1.00 50.90 ? 10 DT  A "O3'" 1 
ATOM   193 C  "C2'" . DT  A 1 10 ? -8.483  -9.475  9.631   1.00 46.19 ? 10 DT  A "C2'" 1 
ATOM   194 C  "C1'" . DT  A 1 10 ? -7.729  -8.338  9.025   1.00 42.95 ? 10 DT  A "C1'" 1 
ATOM   195 N  N1    . DT  A 1 10 ? -8.373  -7.041  9.194   1.00 39.12 ? 10 DT  A N1    1 
ATOM   196 C  C2    . DT  A 1 10 ? -7.958  -6.302  10.297  1.00 37.81 ? 10 DT  A C2    1 
ATOM   197 O  O2    . DT  A 1 10 ? -7.111  -6.708  11.125  1.00 37.80 ? 10 DT  A O2    1 
ATOM   198 N  N3    . DT  A 1 10 ? -8.571  -5.083  10.396  1.00 36.22 ? 10 DT  A N3    1 
ATOM   199 C  C4    . DT  A 1 10 ? -9.524  -4.570  9.520   1.00 36.87 ? 10 DT  A C4    1 
ATOM   200 O  O4    . DT  A 1 10 ? -9.906  -3.448  9.885   1.00 37.21 ? 10 DT  A O4    1 
ATOM   201 C  C5    . DT  A 1 10 ? -9.877  -5.463  8.399   1.00 36.84 ? 10 DT  A C5    1 
ATOM   202 C  C7    . DT  A 1 10 ? -10.888 -5.113  7.340   1.00 38.44 ? 10 DT  A C7    1 
ATOM   203 C  C6    . DT  A 1 10 ? -9.294  -6.632  8.294   1.00 37.02 ? 10 DT  A C6    1 
HETATM 204 O  O     . HOH B 2 .  ? 5.810   4.372   5.123   1.00 57.30 ? 11 HOH A O     1 
HETATM 205 O  O     . HOH B 2 .  ? -2.889  0.504   -2.811  1.00 46.85 ? 12 HOH A O     1 
HETATM 206 O  O     . HOH B 2 .  ? -0.747  9.354   2.961   1.00 46.10 ? 13 HOH A O     1 
HETATM 207 O  O     . HOH B 2 .  ? 2.082   2.646   -1.615  1.00 35.68 ? 14 HOH A O     1 
HETATM 208 O  O     . HOH B 2 .  ? -5.811  -12.585 -7.662  1.00 41.04 ? 15 HOH A O     1 
HETATM 209 O  O     . HOH B 2 .  ? 4.728   7.994   -7.690  1.00 54.16 ? 16 HOH A O     1 
HETATM 210 O  O     . HOH B 2 .  ? 1.780   -8.156  -2.980  1.00 51.89 ? 17 HOH A O     1 
HETATM 211 O  O     . HOH B 2 .  ? 2.491   11.889  -0.966  1.00 39.07 ? 18 HOH A O     1 
HETATM 212 O  O     . HOH B 2 .  ? -3.641  -8.238  -10.867 1.00 35.79 ? 19 HOH A O     1 
HETATM 213 O  O     . HOH B 2 .  ? -0.298  4.062   -9.226  1.00 61.14 ? 20 HOH A O     1 
HETATM 214 O  O     . HOH B 2 .  ? 1.620   8.276   -6.389  1.00 58.35 ? 21 HOH A O     1 
HETATM 215 O  O     . HOH B 2 .  ? -7.996  -12.695 -10.017 1.00 50.08 ? 22 HOH A O     1 
HETATM 216 O  O     . HOH B 2 .  ? 0.261   11.350  0.480   1.00 62.41 ? 23 HOH A O     1 
HETATM 217 O  O     . HOH B 2 .  ? -10.183 -6.839  -6.482  1.00 63.22 ? 24 HOH A O     1 
HETATM 218 O  O     . HOH B 2 .  ? -6.797  -2.841  -10.187 1.00 64.78 ? 25 HOH A O     1 
HETATM 219 O  O     . HOH B 2 .  ? -14.708 -7.358  6.815   1.00 58.67 ? 26 HOH A O     1 
HETATM 220 O  O     . HOH B 2 .  ? -13.471 -8.466  -0.270  1.00 61.44 ? 27 HOH A O     1 
HETATM 221 O  O     . HOH B 2 .  ? 3.255   5.775   -10.244 1.00 63.85 ? 28 HOH A O     1 
HETATM 222 O  O     . HOH B 2 .  ? 9.088   3.264   9.759   1.00 56.66 ? 29 HOH A O     1 
HETATM 223 O  O     . HOH B 2 .  ? -2.579  -4.395  -12.881 1.00 56.35 ? 30 HOH A O     1 
HETATM 224 O  O     . HOH B 2 .  ? -6.667  -0.991  -4.387  1.00 59.46 ? 31 HOH A O     1 
HETATM 225 O  O     . HOH B 2 .  ? -0.638  3.117   -6.324  1.00 58.50 ? 32 HOH A O     1 
HETATM 226 O  O     . HOH B 2 .  ? -8.876  -2.826  -3.459  1.00 40.53 ? 33 HOH A O     1 
HETATM 227 O  O     . HOH B 2 .  ? 5.664   3.188   -14.940 1.00 71.22 ? 34 HOH A O     1 
HETATM 228 O  O     . HOH B 2 .  ? 2.708   5.492   11.574  1.00 58.89 ? 35 HOH A O     1 
HETATM 229 O  O     . HOH B 2 .  ? -10.419 -5.593  -3.480  1.00 64.29 ? 36 HOH A O     1 
HETATM 230 O  O     . HOH B 2 .  ? -5.957  -2.216  -7.380  1.00 61.23 ? 37 HOH A O     1 
HETATM 231 O  O     . HOH B 2 .  ? -0.142  6.883   -9.455  1.00 60.80 ? 38 HOH A O     1 
HETATM 232 O  O     . HOH B 2 .  ? 7.369   1.921   4.871   1.00 52.61 ? 39 HOH A O     1 
HETATM 233 O  O     . HOH B 2 .  ? 1.841   8.622   8.176   1.00 57.90 ? 40 HOH A O     1 
HETATM 234 O  O     . HOH B 2 .  ? -2.463  0.516   -7.715  1.00 48.30 ? 41 HOH A O     1 
HETATM 235 O  O     . HOH B 2 .  ? 7.134   3.313   7.460   1.00 66.07 ? 42 HOH A O     1 
HETATM 236 O  O     . HOH B 2 .  ? -8.980  -9.271  -7.059  1.00 48.05 ? 43 HOH A O     1 
HETATM 237 O  O     . HOH B 2 .  ? 10.219  3.854   13.092  1.00 59.93 ? 44 HOH A O     1 
HETATM 238 O  O     . HOH B 2 .  ? -7.788  -6.798  -11.454 1.00 60.56 ? 45 HOH A O     1 
HETATM 239 O  O     . HOH B 2 .  ? -8.643  -14.840 -1.906  1.00 61.24 ? 46 HOH A O     1 
HETATM 240 O  O     . HOH B 2 .  ? 2.280   1.730   2.802   1.00 59.26 ? 47 HOH A O     1 
HETATM 241 O  O     . HOH B 2 .  ? 0.821   -8.862  -5.563  1.00 58.06 ? 48 HOH A O     1 
HETATM 242 O  O     . HOH B 2 .  ? -1.082  5.968   -4.329  1.00 66.53 ? 49 HOH A O     1 
HETATM 243 O  O     . HOH B 2 .  ? -12.397 -9.163  -6.475  1.00 62.55 ? 50 HOH A O     1 
HETATM 244 O  O     . HOH B 2 .  ? -1.924  2.234   -11.229 1.00 72.48 ? 51 HOH A O     1 
HETATM 245 O  O     . HOH B 2 .  ? -10.348 -12.445 -2.179  1.00 69.32 ? 52 HOH A O     1 
HETATM 246 O  O     . HOH B 2 .  ? -14.073 -11.056 5.361   1.00 61.57 ? 53 HOH A O     1 
HETATM 247 O  O     . HOH B 2 .  ? -0.282  1.073   -1.201  1.00 48.26 ? 54 HOH A O     1 
HETATM 248 O  O     . HOH B 2 .  ? -6.254  -9.750  -9.718  1.00 69.87 ? 55 HOH A O     1 
HETATM 249 O  O     . HOH B 2 .  ? -8.451  5.498   -8.617  1.00 48.73 ? 56 HOH A O     1 
HETATM 250 O  O     . HOH B 2 .  ? 1.576   5.294   -1.477  1.00 53.04 ? 57 HOH A O     1 
HETATM 251 O  O     . HOH B 2 .  ? -3.450  4.923   -5.903  1.00 62.13 ? 58 HOH A O     1 
HETATM 252 O  O     . HOH B 2 .  ? -2.482  -0.626  -5.241  1.00 53.65 ? 59 HOH A O     1 
HETATM 253 O  O     . HOH B 2 .  ? 4.086   3.480   -12.121 1.00 53.56 ? 60 HOH A O     1 
HETATM 254 O  O     . HOH B 2 .  ? -11.726 -3.341  -2.994  1.00 42.84 ? 61 HOH A O     1 
HETATM 255 O  O     . HOH B 2 .  ? -1.422  13.438  -0.682  1.00 64.16 ? 62 HOH A O     1 
HETATM 256 O  O     . HOH B 2 .  ? 9.385   1.321   13.773  1.00 67.93 ? 63 HOH A O     1 
HETATM 257 O  O     . HOH B 2 .  ? -8.354  -5.482  -5.133  1.00 48.06 ? 64 HOH A O     1 
HETATM 258 O  O     . HOH B 2 .  ? -4.299  3.647   -8.769  1.00 64.73 ? 65 HOH A O     1 
HETATM 259 O  O     . HOH B 2 .  ? 1.473   6.212   3.245   1.00 58.87 ? 66 HOH A O     1 
# 
